data_8HYR
#
_entry.id   8HYR
#
_cell.length_a   90.331
_cell.length_b   107.664
_cell.length_c   130.516
_cell.angle_alpha   90.000
_cell.angle_beta   90.000
_cell.angle_gamma   90.000
#
_symmetry.space_group_name_H-M   'P 21 21 21'
#
loop_
_entity.id
_entity.type
_entity.pdbx_description
1 polymer 'Lysine--tRNA ligase'
2 water water
#
_entity_poly.entity_id   1
_entity_poly.type   'polypeptide(L)'
_entity_poly.pdbx_seq_one_letter_code
;MSVDPNQYYKIRSQAIHQLKVNGEDPYPHKFHVDISLTDFIQKYSHLQPGDHLTDITLKVAGRIHAKRASGGKLIFYDLR
GEGVKLQVMANSRNYKSEEEFIHINNKLRRGDIIGVQGNPGKTKKGELSIIPYEITLLSPCLHMLPHLHFGLKDKETRYR
QRYLDLILNDFVRQKFIIRSKIITYIRSFLDELGFLEIETPMMNIIPGGAVAKPFITYHNELDMNLYMRIAPELYHKMLV
VGGIDRVYEIGRQFRNEGIDLTHNPEFTTCEFYMAYADYHDLMEITEKMVSGMVKHITGSYKVTYHPDGPEGQAYDVDFT
PPFRRINMVEELEKALGMKLPETNLFETEETRKILDDICVAKAVECPPPRTTARLLDKLVGEFLEVTCINPTFICDHPQI
MSPLAKWHRSKEGLTERFELFVMKKEICNAYTELNDPMRQRQLFEEQAKAKAAGDDEAMFIDENFCTALEYGLPPTAGWG
MGIDRVAMFLTDSNNIKEVLLFPAMKPEDKKELEHHHHHH
;
_entity_poly.pdbx_strand_id   A,B
#
# COMPACT_ATOMS: atom_id res chain seq x y z
N SER A 2 33.74 -13.91 -32.71
CA SER A 2 32.58 -14.39 -31.97
C SER A 2 31.30 -13.71 -32.47
N VAL A 3 30.16 -14.35 -32.23
CA VAL A 3 28.88 -13.72 -32.57
C VAL A 3 28.65 -12.53 -31.66
N ASP A 4 28.08 -11.46 -32.22
CA ASP A 4 27.68 -10.31 -31.43
C ASP A 4 26.24 -10.49 -30.98
N PRO A 5 25.81 -9.74 -29.95
CA PRO A 5 24.47 -9.96 -29.39
C PRO A 5 23.34 -9.92 -30.41
N ASN A 6 23.38 -8.99 -31.39
CA ASN A 6 22.29 -8.93 -32.35
C ASN A 6 22.24 -10.16 -33.24
N GLN A 7 23.41 -10.66 -33.67
CA GLN A 7 23.42 -11.86 -34.50
C GLN A 7 22.94 -13.08 -33.70
N TYR A 8 23.34 -13.18 -32.43
CA TYR A 8 22.85 -14.26 -31.59
C TYR A 8 21.32 -14.22 -31.49
N TYR A 9 20.77 -13.04 -31.24
CA TYR A 9 19.33 -12.89 -31.11
C TYR A 9 18.60 -13.28 -32.38
N LYS A 10 19.17 -12.93 -33.54
CA LYS A 10 18.55 -13.29 -34.81
C LYS A 10 18.60 -14.78 -35.05
N ILE A 11 19.75 -15.41 -34.77
CA ILE A 11 19.89 -16.85 -34.99
C ILE A 11 18.95 -17.62 -34.08
N ARG A 12 18.87 -17.24 -32.80
CA ARG A 12 18.04 -17.97 -31.86
C ARG A 12 16.57 -17.73 -32.10
N SER A 13 16.19 -16.52 -32.53
CA SER A 13 14.79 -16.28 -32.87
C SER A 13 14.36 -17.17 -34.04
N GLN A 14 15.22 -17.31 -35.04
CA GLN A 14 14.94 -18.20 -36.16
C GLN A 14 14.76 -19.64 -35.67
N ALA A 15 15.67 -20.11 -34.81
CA ALA A 15 15.60 -21.48 -34.34
C ALA A 15 14.29 -21.74 -33.61
N ILE A 16 13.87 -20.80 -32.77
CA ILE A 16 12.62 -20.96 -32.04
C ILE A 16 11.43 -20.91 -32.99
N HIS A 17 11.48 -20.04 -33.99
CA HIS A 17 10.43 -20.04 -35.00
C HIS A 17 10.34 -21.39 -35.70
N GLN A 18 11.50 -21.99 -36.02
CA GLN A 18 11.50 -23.30 -36.64
C GLN A 18 10.91 -24.35 -35.70
N LEU A 19 11.21 -24.25 -34.41
CA LEU A 19 10.58 -25.17 -33.46
C LEU A 19 9.06 -25.07 -33.53
N LYS A 20 8.53 -23.85 -33.67
CA LYS A 20 7.09 -23.67 -33.79
C LYS A 20 6.56 -24.39 -35.02
N VAL A 21 7.06 -24.05 -36.20
CA VAL A 21 6.55 -24.66 -37.43
C VAL A 21 6.74 -26.17 -37.41
N ASN A 22 7.70 -26.67 -36.62
CA ASN A 22 7.94 -28.11 -36.51
C ASN A 22 7.05 -28.79 -35.48
N GLY A 23 6.05 -28.11 -34.94
CA GLY A 23 5.12 -28.71 -34.01
C GLY A 23 5.64 -28.87 -32.59
N GLU A 24 6.87 -28.44 -32.29
CA GLU A 24 7.40 -28.49 -30.93
C GLU A 24 7.46 -27.03 -30.48
N ASP A 25 6.32 -26.53 -30.01
CA ASP A 25 6.24 -25.11 -29.65
C ASP A 25 6.94 -24.89 -28.29
N PRO A 26 7.97 -24.04 -28.24
CA PRO A 26 8.77 -23.88 -27.01
C PRO A 26 8.09 -23.04 -25.94
N TYR A 27 6.83 -22.72 -26.14
CA TYR A 27 5.99 -22.04 -25.17
C TYR A 27 4.83 -23.02 -25.06
N PRO A 28 4.94 -24.02 -24.20
CA PRO A 28 3.77 -24.88 -23.93
C PRO A 28 2.84 -24.31 -22.84
N HIS A 29 1.60 -24.79 -22.86
CA HIS A 29 0.57 -24.19 -21.99
C HIS A 29 1.10 -24.03 -20.57
N LYS A 30 1.67 -25.09 -20.00
CA LYS A 30 2.06 -25.06 -18.59
C LYS A 30 2.98 -26.23 -18.26
N PHE A 31 3.56 -26.15 -17.07
CA PHE A 31 4.42 -27.19 -16.53
C PHE A 31 4.16 -27.22 -15.03
N HIS A 32 3.53 -28.28 -14.55
CA HIS A 32 3.27 -28.38 -13.11
C HIS A 32 4.54 -28.84 -12.40
N VAL A 33 4.96 -28.07 -11.41
CA VAL A 33 6.14 -28.39 -10.63
C VAL A 33 5.69 -29.20 -9.41
N ASP A 34 6.37 -30.33 -9.17
CA ASP A 34 6.02 -31.14 -8.02
C ASP A 34 6.62 -30.58 -6.73
N ILE A 35 7.76 -29.89 -6.83
CA ILE A 35 8.47 -29.47 -5.64
C ILE A 35 9.37 -28.30 -6.04
N SER A 36 9.52 -27.35 -5.14
CA SER A 36 10.40 -26.23 -5.40
C SER A 36 11.86 -26.65 -5.25
N LEU A 37 12.74 -25.88 -5.91
CA LEU A 37 14.17 -26.17 -5.80
C LEU A 37 14.63 -26.09 -4.35
N THR A 38 14.11 -25.11 -3.59
CA THR A 38 14.52 -24.97 -2.20
C THR A 38 14.08 -26.18 -1.37
N ASP A 39 12.84 -26.64 -1.57
CA ASP A 39 12.38 -27.85 -0.89
C ASP A 39 13.18 -29.07 -1.35
N PHE A 40 13.48 -29.15 -2.65
CA PHE A 40 14.26 -30.27 -3.15
C PHE A 40 15.62 -30.35 -2.46
N ILE A 41 16.29 -29.21 -2.31
CA ILE A 41 17.61 -29.19 -1.69
C ILE A 41 17.54 -29.60 -0.23
N GLN A 42 16.55 -29.09 0.51
CA GLN A 42 16.44 -29.44 1.92
C GLN A 42 16.00 -30.89 2.09
N LYS A 43 15.19 -31.41 1.18
CA LYS A 43 14.66 -32.76 1.33
C LYS A 43 15.69 -33.82 0.95
N TYR A 44 16.64 -33.50 0.07
CA TYR A 44 17.54 -34.51 -0.47
C TYR A 44 19.02 -34.18 -0.30
N SER A 45 19.37 -33.23 0.55
CA SER A 45 20.78 -32.98 0.81
C SER A 45 21.43 -34.10 1.61
N HIS A 46 20.62 -34.91 2.31
CA HIS A 46 21.17 -35.99 3.11
C HIS A 46 21.66 -37.17 2.28
N LEU A 47 21.38 -37.20 0.98
CA LEU A 47 21.77 -38.33 0.17
C LEU A 47 23.29 -38.49 0.15
N GLN A 48 23.72 -39.70 -0.15
CA GLN A 48 25.13 -40.04 -0.11
C GLN A 48 25.75 -39.88 -1.50
N PRO A 49 27.02 -39.50 -1.58
CA PRO A 49 27.67 -39.40 -2.90
C PRO A 49 27.57 -40.73 -3.64
N GLY A 50 26.91 -40.69 -4.80
CA GLY A 50 26.69 -41.85 -5.63
C GLY A 50 25.25 -42.30 -5.66
N ASP A 51 24.43 -41.83 -4.73
CA ASP A 51 23.04 -42.26 -4.67
C ASP A 51 22.28 -41.82 -5.91
N HIS A 52 21.26 -42.60 -6.25
CA HIS A 52 20.34 -42.29 -7.34
C HIS A 52 19.03 -42.96 -6.96
N LEU A 53 18.00 -42.17 -6.70
CA LEU A 53 16.72 -42.72 -6.26
C LEU A 53 15.86 -42.97 -7.49
N THR A 54 16.03 -44.15 -8.10
CA THR A 54 15.18 -44.55 -9.20
C THR A 54 13.74 -44.81 -8.76
N ASP A 55 13.43 -44.61 -7.48
CA ASP A 55 12.13 -44.87 -6.89
C ASP A 55 11.32 -43.60 -6.72
N ILE A 56 11.86 -42.45 -7.12
CA ILE A 56 11.19 -41.17 -6.98
C ILE A 56 11.36 -40.37 -8.26
N THR A 57 10.26 -40.01 -8.89
CA THR A 57 10.27 -39.11 -10.03
C THR A 57 9.66 -37.78 -9.60
N LEU A 58 10.36 -36.69 -9.87
CA LEU A 58 9.94 -35.37 -9.45
C LEU A 58 10.09 -34.39 -10.61
N LYS A 59 9.22 -33.39 -10.63
CA LYS A 59 9.22 -32.33 -11.62
C LYS A 59 9.67 -31.04 -10.95
N VAL A 60 10.76 -30.47 -11.45
CA VAL A 60 11.26 -29.17 -11.00
C VAL A 60 11.36 -28.28 -12.24
N ALA A 61 11.65 -27.01 -11.99
CA ALA A 61 11.84 -26.05 -13.09
C ALA A 61 12.78 -24.94 -12.64
N GLY A 62 13.32 -24.24 -13.63
CA GLY A 62 14.22 -23.14 -13.34
C GLY A 62 14.80 -22.59 -14.64
N ARG A 63 15.91 -21.87 -14.50
CA ARG A 63 16.58 -21.25 -15.63
C ARG A 63 18.00 -21.81 -15.73
N ILE A 64 18.41 -22.13 -16.95
CA ILE A 64 19.75 -22.64 -17.20
C ILE A 64 20.73 -21.49 -17.09
N HIS A 65 21.69 -21.61 -16.17
CA HIS A 65 22.75 -20.62 -16.03
C HIS A 65 24.10 -21.10 -16.56
N ALA A 66 24.29 -22.42 -16.66
CA ALA A 66 25.52 -22.98 -17.20
C ALA A 66 25.20 -24.34 -17.79
N LYS A 67 25.81 -24.63 -18.94
CA LYS A 67 25.65 -25.90 -19.64
C LYS A 67 27.03 -26.42 -19.99
N ARG A 68 27.45 -27.49 -19.33
CA ARG A 68 28.76 -28.09 -19.56
C ARG A 68 28.58 -29.54 -20.01
N ALA A 69 28.94 -29.79 -21.26
CA ALA A 69 28.98 -31.14 -21.79
C ALA A 69 30.28 -31.82 -21.34
N SER A 70 30.19 -33.12 -21.10
CA SER A 70 31.34 -33.90 -20.63
C SER A 70 31.83 -34.80 -21.74
N GLY A 71 31.04 -35.79 -22.19
CA GLY A 71 31.51 -36.65 -23.26
C GLY A 71 30.66 -36.89 -24.49
N GLY A 72 29.44 -36.34 -24.54
CA GLY A 72 28.53 -36.56 -25.64
C GLY A 72 27.31 -37.38 -25.28
N LYS A 73 27.37 -38.14 -24.19
CA LYS A 73 26.18 -38.76 -23.62
C LYS A 73 26.01 -38.35 -22.16
N LEU A 74 26.61 -37.24 -21.75
CA LEU A 74 26.48 -36.71 -20.40
C LEU A 74 26.63 -35.20 -20.46
N ILE A 75 25.64 -34.48 -19.96
CA ILE A 75 25.65 -33.02 -19.96
C ILE A 75 25.18 -32.54 -18.58
N PHE A 76 25.83 -31.49 -18.09
CA PHE A 76 25.50 -30.91 -16.79
C PHE A 76 24.89 -29.52 -17.00
N TYR A 77 23.75 -29.29 -16.36
CA TYR A 77 23.05 -28.02 -16.42
C TYR A 77 22.99 -27.42 -15.02
N ASP A 78 23.35 -26.15 -14.90
CA ASP A 78 23.23 -25.41 -13.66
C ASP A 78 21.86 -24.71 -13.67
N LEU A 79 20.92 -25.23 -12.89
CA LEU A 79 19.54 -24.75 -12.87
C LEU A 79 19.31 -23.88 -11.65
N ARG A 80 18.83 -22.66 -11.87
CA ARG A 80 18.72 -21.68 -10.80
C ARG A 80 17.28 -21.19 -10.65
N GLY A 81 16.91 -20.93 -9.41
CA GLY A 81 15.59 -20.39 -9.11
C GLY A 81 15.48 -20.16 -7.62
N GLU A 82 14.59 -19.23 -7.26
CA GLU A 82 14.33 -18.92 -5.87
C GLU A 82 15.62 -18.57 -5.13
N GLY A 83 16.58 -18.02 -5.85
CA GLY A 83 17.87 -17.70 -5.25
C GLY A 83 18.72 -18.90 -4.93
N VAL A 84 18.35 -20.10 -5.37
CA VAL A 84 19.15 -21.28 -5.11
C VAL A 84 19.51 -21.96 -6.43
N LYS A 85 20.16 -23.11 -6.36
CA LYS A 85 20.81 -23.73 -7.50
C LYS A 85 20.79 -25.24 -7.33
N LEU A 86 20.55 -25.94 -8.44
CA LEU A 86 20.53 -27.38 -8.43
C LEU A 86 21.07 -27.89 -9.77
N GLN A 87 21.91 -28.90 -9.70
CA GLN A 87 22.53 -29.46 -10.90
C GLN A 87 21.62 -30.51 -11.53
N VAL A 88 21.52 -30.45 -12.86
CA VAL A 88 20.84 -31.48 -13.65
C VAL A 88 21.94 -32.30 -14.31
N MET A 89 22.09 -33.55 -13.88
CA MET A 89 23.04 -34.47 -14.49
C MET A 89 22.29 -35.24 -15.57
N ALA A 90 22.25 -34.67 -16.78
CA ALA A 90 21.57 -35.28 -17.91
C ALA A 90 22.45 -36.40 -18.47
N ASN A 91 22.09 -37.64 -18.15
CA ASN A 91 22.85 -38.82 -18.54
C ASN A 91 22.03 -39.60 -19.55
N SER A 92 22.58 -39.75 -20.76
CA SER A 92 21.83 -40.33 -21.88
C SER A 92 21.21 -41.67 -21.51
N ARG A 93 21.96 -42.51 -20.78
CA ARG A 93 21.44 -43.83 -20.47
C ARG A 93 20.18 -43.76 -19.60
N ASN A 94 19.97 -42.65 -18.90
CA ASN A 94 18.84 -42.46 -17.99
C ASN A 94 17.70 -41.68 -18.63
N TYR A 95 17.87 -41.16 -19.84
CA TYR A 95 16.84 -40.34 -20.44
C TYR A 95 15.76 -41.22 -21.06
N LYS A 96 14.63 -40.58 -21.38
CA LYS A 96 13.51 -41.28 -22.01
C LYS A 96 13.99 -42.14 -23.17
N SER A 97 14.78 -41.56 -24.07
CA SER A 97 15.37 -42.30 -25.19
C SER A 97 16.58 -41.52 -25.68
N GLU A 98 17.45 -42.23 -26.39
CA GLU A 98 18.72 -41.62 -26.78
C GLU A 98 18.54 -40.56 -27.87
N GLU A 99 17.62 -40.78 -28.81
CA GLU A 99 17.36 -39.75 -29.83
C GLU A 99 16.71 -38.51 -29.22
N GLU A 100 15.77 -38.70 -28.29
CA GLU A 100 15.16 -37.53 -27.64
C GLU A 100 16.17 -36.80 -26.76
N PHE A 101 17.09 -37.53 -26.14
CA PHE A 101 18.14 -36.90 -25.35
C PHE A 101 19.00 -35.98 -26.22
N ILE A 102 19.44 -36.48 -27.37
CA ILE A 102 20.19 -35.65 -28.31
C ILE A 102 19.36 -34.45 -28.73
N HIS A 103 18.08 -34.68 -29.03
CA HIS A 103 17.23 -33.64 -29.60
C HIS A 103 17.02 -32.49 -28.61
N ILE A 104 16.87 -32.80 -27.32
CA ILE A 104 16.58 -31.75 -26.36
C ILE A 104 17.84 -30.96 -26.02
N ASN A 105 18.99 -31.62 -25.90
CA ASN A 105 20.21 -30.89 -25.54
C ASN A 105 20.64 -29.96 -26.66
N ASN A 106 20.43 -30.35 -27.92
CA ASN A 106 20.88 -29.52 -29.03
C ASN A 106 20.12 -28.20 -29.12
N LYS A 107 18.91 -28.13 -28.57
CA LYS A 107 18.13 -26.90 -28.65
C LYS A 107 18.29 -26.01 -27.44
N LEU A 108 18.76 -26.54 -26.31
CA LEU A 108 18.83 -25.77 -25.09
C LEU A 108 20.08 -24.89 -25.06
N ARG A 109 19.89 -23.62 -24.69
CA ARG A 109 20.98 -22.66 -24.56
C ARG A 109 20.95 -22.07 -23.16
N ARG A 110 22.05 -21.41 -22.80
CA ARG A 110 22.11 -20.69 -21.53
C ARG A 110 20.98 -19.66 -21.47
N GLY A 111 20.35 -19.58 -20.31
CA GLY A 111 19.24 -18.68 -20.09
C GLY A 111 17.87 -19.28 -20.29
N ASP A 112 17.78 -20.46 -20.88
CA ASP A 112 16.48 -21.05 -21.16
C ASP A 112 15.80 -21.50 -19.87
N ILE A 113 14.49 -21.26 -19.79
CA ILE A 113 13.66 -21.80 -18.73
C ILE A 113 13.21 -23.19 -19.15
N ILE A 114 13.53 -24.20 -18.34
CA ILE A 114 13.23 -25.59 -18.67
C ILE A 114 12.54 -26.25 -17.50
N GLY A 115 11.75 -27.26 -17.80
CA GLY A 115 11.19 -28.15 -16.80
C GLY A 115 11.93 -29.47 -16.83
N VAL A 116 12.18 -30.04 -15.65
CA VAL A 116 12.95 -31.26 -15.51
C VAL A 116 12.12 -32.27 -14.74
N GLN A 117 11.85 -33.42 -15.35
CA GLN A 117 11.22 -34.55 -14.70
C GLN A 117 12.27 -35.64 -14.56
N GLY A 118 12.61 -35.99 -13.33
CA GLY A 118 13.67 -36.96 -13.12
C GLY A 118 13.77 -37.42 -11.69
N ASN A 119 14.92 -38.05 -11.37
CA ASN A 119 15.13 -38.69 -10.08
C ASN A 119 16.14 -37.92 -9.25
N PRO A 120 15.93 -37.80 -7.93
CA PRO A 120 16.97 -37.22 -7.07
C PRO A 120 18.19 -38.13 -7.02
N GLY A 121 19.35 -37.52 -6.79
CA GLY A 121 20.59 -38.27 -6.69
C GLY A 121 21.73 -37.35 -6.33
N LYS A 122 22.90 -37.96 -6.11
CA LYS A 122 24.11 -37.22 -5.79
C LYS A 122 25.28 -37.87 -6.52
N THR A 123 26.07 -37.05 -7.22
CA THR A 123 27.17 -37.55 -8.03
C THR A 123 28.31 -38.03 -7.14
N LYS A 124 29.37 -38.57 -7.78
CA LYS A 124 30.52 -39.01 -7.00
C LYS A 124 31.26 -37.84 -6.36
N LYS A 125 31.24 -36.67 -7.00
CA LYS A 125 31.85 -35.50 -6.38
C LYS A 125 31.05 -34.99 -5.19
N GLY A 126 29.83 -35.48 -5.00
CA GLY A 126 29.00 -35.05 -3.89
C GLY A 126 28.14 -33.85 -4.16
N GLU A 127 27.67 -33.68 -5.41
CA GLU A 127 26.81 -32.56 -5.78
C GLU A 127 25.38 -33.06 -5.94
N LEU A 128 24.45 -32.47 -5.20
CA LEU A 128 23.05 -32.84 -5.31
C LEU A 128 22.54 -32.55 -6.71
N SER A 129 21.86 -33.54 -7.31
CA SER A 129 21.48 -33.47 -8.71
C SER A 129 20.11 -34.08 -8.91
N ILE A 130 19.53 -33.80 -10.07
CA ILE A 130 18.32 -34.46 -10.54
C ILE A 130 18.66 -35.16 -11.86
N ILE A 131 18.38 -36.45 -11.94
CA ILE A 131 18.70 -37.24 -13.13
C ILE A 131 17.49 -37.23 -14.05
N PRO A 132 17.51 -36.46 -15.14
CA PRO A 132 16.25 -36.23 -15.88
C PRO A 132 15.82 -37.44 -16.70
N TYR A 133 14.53 -37.74 -16.61
CA TYR A 133 13.88 -38.63 -17.57
C TYR A 133 13.33 -37.88 -18.77
N GLU A 134 12.98 -36.60 -18.58
CA GLU A 134 12.47 -35.79 -19.67
C GLU A 134 12.72 -34.32 -19.33
N ILE A 135 13.25 -33.57 -20.29
CA ILE A 135 13.45 -32.14 -20.16
C ILE A 135 12.57 -31.46 -21.19
N THR A 136 11.92 -30.37 -20.78
CA THR A 136 11.00 -29.62 -21.63
C THR A 136 11.43 -28.17 -21.68
N LEU A 137 11.62 -27.65 -22.89
CA LEU A 137 11.87 -26.22 -23.05
C LEU A 137 10.56 -25.47 -22.84
N LEU A 138 10.53 -24.63 -21.80
CA LEU A 138 9.32 -23.91 -21.41
C LEU A 138 9.31 -22.48 -21.93
N SER A 139 10.44 -21.80 -21.91
CA SER A 139 10.57 -20.45 -22.45
C SER A 139 12.04 -20.23 -22.77
N PRO A 140 12.40 -19.99 -24.03
CA PRO A 140 13.81 -19.79 -24.36
C PRO A 140 14.25 -18.35 -24.17
N CYS A 141 15.53 -18.20 -23.83
CA CYS A 141 16.18 -16.89 -23.77
C CYS A 141 16.74 -16.57 -25.14
N LEU A 142 16.14 -15.60 -25.82
CA LEU A 142 16.54 -15.24 -27.17
C LEU A 142 17.75 -14.32 -27.21
N HIS A 143 18.16 -13.74 -26.10
CA HIS A 143 19.26 -12.80 -26.08
C HIS A 143 20.52 -13.43 -25.50
N MET A 144 21.67 -12.87 -25.90
CA MET A 144 22.95 -13.34 -25.38
C MET A 144 23.12 -12.78 -23.99
N LEU A 145 23.33 -13.65 -23.01
CA LEU A 145 23.58 -13.21 -21.65
C LEU A 145 25.06 -12.91 -21.47
N PRO A 146 25.42 -12.09 -20.48
CA PRO A 146 26.84 -11.86 -20.21
C PRO A 146 27.55 -13.17 -19.93
N HIS A 147 28.87 -13.18 -20.15
CA HIS A 147 29.66 -14.36 -19.85
C HIS A 147 29.43 -14.79 -18.41
N LEU A 148 29.31 -16.09 -18.21
CA LEU A 148 29.24 -16.64 -16.86
C LEU A 148 30.51 -16.29 -16.10
N HIS A 149 30.34 -15.88 -14.84
CA HIS A 149 31.37 -15.41 -13.93
C HIS A 149 31.68 -13.92 -14.12
N PHE A 150 31.15 -13.26 -15.14
CA PHE A 150 31.35 -11.84 -15.37
C PHE A 150 30.12 -11.00 -15.04
N GLY A 151 28.93 -11.55 -15.27
CA GLY A 151 27.71 -10.96 -14.77
C GLY A 151 27.44 -9.55 -15.29
N LEU A 152 26.55 -8.87 -14.57
CA LEU A 152 26.11 -7.53 -14.91
C LEU A 152 26.52 -6.57 -13.80
N LYS A 153 27.38 -5.62 -14.14
CA LYS A 153 27.95 -4.69 -13.20
C LYS A 153 27.60 -3.24 -13.50
N ASP A 154 27.34 -2.90 -14.76
CA ASP A 154 26.99 -1.54 -15.13
C ASP A 154 25.66 -1.13 -14.49
N LYS A 155 25.73 -0.14 -13.60
CA LYS A 155 24.53 0.25 -12.84
C LYS A 155 23.40 0.69 -13.77
N GLU A 156 23.74 1.48 -14.79
CA GLU A 156 22.71 1.98 -15.70
C GLU A 156 21.97 0.83 -16.36
N THR A 157 22.68 -0.20 -16.81
CA THR A 157 22.03 -1.35 -17.41
C THR A 157 21.17 -2.09 -16.39
N ARG A 158 21.68 -2.28 -15.18
CA ARG A 158 20.92 -2.96 -14.14
C ARG A 158 19.59 -2.24 -13.89
N TYR A 159 19.62 -0.91 -13.79
CA TYR A 159 18.42 -0.17 -13.42
C TYR A 159 17.41 -0.11 -14.56
N ARG A 160 17.87 -0.16 -15.81
CA ARG A 160 16.96 -0.12 -16.95
C ARG A 160 16.40 -1.48 -17.31
N GLN A 161 17.04 -2.56 -16.87
CA GLN A 161 16.53 -3.93 -17.10
C GLN A 161 16.62 -4.69 -15.78
N ARG A 162 15.70 -4.40 -14.86
CA ARG A 162 15.76 -5.00 -13.54
C ARG A 162 15.62 -6.52 -13.64
N TYR A 163 14.81 -7.00 -14.57
CA TYR A 163 14.67 -8.45 -14.75
C TYR A 163 16.03 -9.08 -15.06
N LEU A 164 16.86 -8.41 -15.87
CA LEU A 164 18.19 -8.93 -16.15
C LEU A 164 19.08 -8.86 -14.91
N ASP A 165 19.02 -7.74 -14.18
CA ASP A 165 19.75 -7.63 -12.92
C ASP A 165 19.36 -8.75 -11.96
N LEU A 166 18.07 -9.05 -11.88
CA LEU A 166 17.62 -10.12 -10.97
C LEU A 166 18.03 -11.49 -11.46
N ILE A 167 18.09 -11.69 -12.78
CA ILE A 167 18.54 -12.97 -13.31
C ILE A 167 19.98 -13.24 -12.89
N LEU A 168 20.81 -12.20 -12.90
CA LEU A 168 22.25 -12.37 -12.76
C LEU A 168 22.76 -12.11 -11.35
N ASN A 169 22.07 -11.30 -10.54
CA ASN A 169 22.63 -10.82 -9.28
C ASN A 169 21.69 -11.15 -8.13
N ASP A 170 22.07 -12.14 -7.32
CA ASP A 170 21.20 -12.60 -6.24
C ASP A 170 21.10 -11.56 -5.12
N PHE A 171 22.18 -10.82 -4.85
CA PHE A 171 22.11 -9.81 -3.79
C PHE A 171 21.00 -8.80 -4.07
N VAL A 172 20.68 -8.57 -5.34
CA VAL A 172 19.56 -7.69 -5.68
C VAL A 172 18.24 -8.29 -5.20
N ARG A 173 18.08 -9.61 -5.36
CA ARG A 173 16.88 -10.26 -4.82
C ARG A 173 16.81 -10.07 -3.32
N GLN A 174 17.93 -10.26 -2.62
CA GLN A 174 17.89 -10.15 -1.16
C GLN A 174 17.54 -8.74 -0.72
N LYS A 175 17.99 -7.73 -1.46
CA LYS A 175 17.68 -6.35 -1.09
C LYS A 175 16.18 -6.12 -1.05
N PHE A 176 15.48 -6.50 -2.11
CA PHE A 176 14.05 -6.23 -2.20
C PHE A 176 13.24 -7.14 -1.29
N ILE A 177 13.79 -8.30 -0.90
CA ILE A 177 13.18 -9.06 0.18
C ILE A 177 13.27 -8.28 1.48
N ILE A 178 14.43 -7.68 1.75
CA ILE A 178 14.57 -6.84 2.94
C ILE A 178 13.56 -5.69 2.90
N ARG A 179 13.41 -5.06 1.73
CA ARG A 179 12.51 -3.91 1.64
C ARG A 179 11.08 -4.30 1.98
N SER A 180 10.62 -5.43 1.44
CA SER A 180 9.27 -5.88 1.75
C SER A 180 9.14 -6.22 3.23
N LYS A 181 10.17 -6.85 3.81
CA LYS A 181 10.11 -7.17 5.24
C LYS A 181 9.98 -5.89 6.07
N ILE A 182 10.64 -4.81 5.65
CA ILE A 182 10.57 -3.56 6.40
C ILE A 182 9.14 -3.04 6.43
N ILE A 183 8.50 -2.95 5.26
CA ILE A 183 7.13 -2.47 5.20
C ILE A 183 6.21 -3.39 5.99
N THR A 184 6.36 -4.70 5.80
CA THR A 184 5.54 -5.66 6.54
C THR A 184 5.75 -5.52 8.04
N TYR A 185 6.99 -5.29 8.47
CA TYR A 185 7.25 -5.13 9.90
C TYR A 185 6.55 -3.90 10.45
N ILE A 186 6.60 -2.78 9.72
CA ILE A 186 5.97 -1.55 10.18
C ILE A 186 4.48 -1.77 10.37
N ARG A 187 3.82 -2.41 9.39
CA ARG A 187 2.40 -2.68 9.52
C ARG A 187 2.12 -3.57 10.72
N SER A 188 2.94 -4.60 10.93
CA SER A 188 2.74 -5.47 12.08
C SER A 188 2.81 -4.68 13.38
N PHE A 189 3.83 -3.83 13.50
CA PHE A 189 4.01 -3.06 14.74
C PHE A 189 2.82 -2.15 15.00
N LEU A 190 2.42 -1.37 13.99
CA LEU A 190 1.36 -0.39 14.20
C LEU A 190 0.00 -1.06 14.36
N ASP A 191 -0.29 -2.08 13.56
CA ASP A 191 -1.56 -2.80 13.72
C ASP A 191 -1.73 -3.31 15.14
N GLU A 192 -0.65 -3.80 15.75
CA GLU A 192 -0.71 -4.32 17.11
C GLU A 192 -0.94 -3.22 18.13
N LEU A 193 -0.61 -1.97 17.81
CA LEU A 193 -0.92 -0.84 18.68
C LEU A 193 -2.29 -0.24 18.38
N GLY A 194 -3.13 -0.94 17.62
CA GLY A 194 -4.47 -0.48 17.36
C GLY A 194 -4.59 0.59 16.31
N PHE A 195 -3.59 0.75 15.46
CA PHE A 195 -3.68 1.69 14.36
C PHE A 195 -4.52 1.10 13.23
N LEU A 196 -5.29 1.95 12.58
CA LEU A 196 -6.07 1.57 11.41
C LEU A 196 -5.29 1.97 10.16
N GLU A 197 -4.99 1.00 9.31
CA GLU A 197 -4.32 1.26 8.05
C GLU A 197 -5.33 1.82 7.06
N ILE A 198 -5.05 3.01 6.53
CA ILE A 198 -6.04 3.75 5.76
C ILE A 198 -5.47 4.13 4.40
N GLU A 199 -6.36 4.50 3.49
CA GLU A 199 -6.01 4.99 2.17
C GLU A 199 -6.67 6.35 1.96
N THR A 200 -5.86 7.36 1.70
CA THR A 200 -6.34 8.72 1.48
C THR A 200 -5.96 9.19 0.09
N PRO A 201 -6.62 10.22 -0.43
CA PRO A 201 -6.46 10.57 -1.85
C PRO A 201 -5.03 10.94 -2.21
N MET A 202 -4.60 10.47 -3.38
CA MET A 202 -3.39 10.93 -4.02
C MET A 202 -3.62 12.08 -4.99
N MET A 203 -4.87 12.36 -5.33
CA MET A 203 -5.22 13.46 -6.22
C MET A 203 -6.09 14.44 -5.43
N ASN A 204 -5.73 15.72 -5.47
CA ASN A 204 -6.47 16.75 -4.76
C ASN A 204 -6.67 17.93 -5.68
N ILE A 205 -7.70 18.74 -5.39
CA ILE A 205 -8.00 19.90 -6.20
C ILE A 205 -7.03 21.04 -5.95
N ILE A 206 -6.38 21.11 -4.79
CA ILE A 206 -5.42 22.18 -4.53
C ILE A 206 -4.06 21.58 -4.20
N PRO A 207 -2.96 22.28 -4.50
CA PRO A 207 -1.63 21.73 -4.18
C PRO A 207 -1.26 21.79 -2.71
N GLY A 208 -1.71 22.81 -1.98
CA GLY A 208 -1.35 22.95 -0.59
C GLY A 208 -0.05 23.71 -0.40
N GLY A 209 0.26 23.96 0.87
CA GLY A 209 1.26 24.97 1.20
C GLY A 209 2.71 24.54 1.09
N ALA A 210 2.99 23.25 0.98
CA ALA A 210 4.36 22.79 0.92
C ALA A 210 5.12 23.40 -0.25
N VAL A 211 6.40 23.67 -0.04
CA VAL A 211 7.26 24.23 -1.08
C VAL A 211 7.46 23.26 -2.23
N ALA A 212 7.17 21.98 -2.02
CA ALA A 212 7.45 20.96 -3.03
C ALA A 212 6.82 21.31 -4.38
N LYS A 213 7.58 21.08 -5.44
CA LYS A 213 7.08 21.27 -6.80
C LYS A 213 6.15 20.11 -7.18
N PRO A 214 4.94 20.39 -7.69
CA PRO A 214 3.94 19.32 -7.82
C PRO A 214 3.76 18.80 -9.24
N PHE A 215 3.19 17.60 -9.35
CA PHE A 215 2.69 17.07 -10.62
C PHE A 215 1.25 17.51 -10.80
N ILE A 216 0.94 18.08 -11.97
CA ILE A 216 -0.37 18.62 -12.27
C ILE A 216 -0.98 17.78 -13.38
N THR A 217 -2.23 17.37 -13.21
CA THR A 217 -2.93 16.60 -14.22
C THR A 217 -4.36 17.12 -14.37
N TYR A 218 -4.88 16.99 -15.58
CA TYR A 218 -6.16 17.57 -15.96
C TYR A 218 -7.24 16.50 -15.95
N HIS A 219 -8.35 16.77 -15.29
CA HIS A 219 -9.50 15.88 -15.28
C HIS A 219 -10.49 16.38 -16.33
N ASN A 220 -10.72 15.57 -17.35
CA ASN A 220 -11.51 16.04 -18.49
C ASN A 220 -12.98 16.19 -18.12
N GLU A 221 -13.54 15.22 -17.41
CA GLU A 221 -14.96 15.29 -17.10
C GLU A 221 -15.26 16.44 -16.16
N LEU A 222 -14.29 16.81 -15.31
CA LEU A 222 -14.47 17.91 -14.36
C LEU A 222 -13.97 19.25 -14.89
N ASP A 223 -13.30 19.27 -16.04
CA ASP A 223 -12.70 20.49 -16.57
C ASP A 223 -11.87 21.20 -15.50
N MET A 224 -10.96 20.45 -14.89
CA MET A 224 -10.26 20.94 -13.72
C MET A 224 -8.89 20.27 -13.63
N ASN A 225 -7.96 20.97 -12.97
CA ASN A 225 -6.65 20.42 -12.70
C ASN A 225 -6.63 19.73 -11.34
N LEU A 226 -5.81 18.69 -11.24
CA LEU A 226 -5.59 17.97 -10.00
C LEU A 226 -4.09 17.96 -9.71
N TYR A 227 -3.75 17.84 -8.44
CA TYR A 227 -2.37 17.87 -7.98
C TYR A 227 -2.05 16.58 -7.24
N MET A 228 -0.95 15.96 -7.61
CA MET A 228 -0.52 14.74 -6.93
C MET A 228 -0.04 15.09 -5.53
N ARG A 229 -0.39 14.24 -4.56
CA ARG A 229 -0.12 14.55 -3.17
C ARG A 229 1.38 14.52 -2.87
N ILE A 230 1.75 15.31 -1.88
CA ILE A 230 3.08 15.23 -1.29
C ILE A 230 3.07 14.50 0.05
N ALA A 231 1.98 14.55 0.82
CA ALA A 231 1.85 13.85 2.09
C ALA A 231 0.37 13.68 2.37
N PRO A 232 -0.01 12.61 3.06
CA PRO A 232 -1.41 12.41 3.44
C PRO A 232 -1.83 13.16 4.69
N GLU A 233 -0.96 14.03 5.22
CA GLU A 233 -1.12 14.58 6.56
C GLU A 233 -2.55 15.06 6.82
N LEU A 234 -3.07 15.93 5.94
CA LEU A 234 -4.32 16.60 6.26
C LEU A 234 -5.49 15.64 6.36
N TYR A 235 -5.52 14.61 5.50
CA TYR A 235 -6.60 13.63 5.55
C TYR A 235 -6.55 12.82 6.83
N HIS A 236 -5.35 12.49 7.31
CA HIS A 236 -5.24 11.69 8.53
C HIS A 236 -5.80 12.45 9.73
N LYS A 237 -5.46 13.73 9.87
CA LYS A 237 -5.95 14.49 11.02
C LYS A 237 -7.45 14.71 10.93
N MET A 238 -8.00 14.85 9.72
CA MET A 238 -9.44 14.89 9.59
C MET A 238 -10.07 13.60 10.10
N LEU A 239 -9.40 12.46 9.89
CA LEU A 239 -9.92 11.21 10.43
C LEU A 239 -9.79 11.17 11.95
N VAL A 240 -8.73 11.75 12.50
CA VAL A 240 -8.62 11.83 13.94
C VAL A 240 -9.73 12.71 14.52
N VAL A 241 -10.08 13.79 13.81
CA VAL A 241 -11.23 14.59 14.21
C VAL A 241 -12.49 13.73 14.23
N GLY A 242 -12.64 12.86 13.23
CA GLY A 242 -13.76 11.95 13.13
C GLY A 242 -13.81 10.86 14.16
N GLY A 243 -12.81 10.75 15.03
CA GLY A 243 -12.83 9.79 16.11
C GLY A 243 -11.98 8.56 15.91
N ILE A 244 -11.28 8.45 14.78
CA ILE A 244 -10.33 7.38 14.55
C ILE A 244 -9.00 7.87 15.10
N ASP A 245 -8.65 7.41 16.31
CA ASP A 245 -7.58 8.03 17.07
C ASP A 245 -6.19 7.69 16.53
N ARG A 246 -6.05 6.53 15.89
CA ARG A 246 -4.75 6.04 15.44
C ARG A 246 -4.87 5.59 13.99
N VAL A 247 -4.16 6.28 13.11
CA VAL A 247 -4.20 5.99 11.67
C VAL A 247 -2.77 5.98 11.14
N TYR A 248 -2.51 5.14 10.15
CA TYR A 248 -1.24 5.18 9.44
C TYR A 248 -1.49 4.83 7.97
N GLU A 249 -0.55 5.26 7.12
CA GLU A 249 -0.63 5.03 5.69
C GLU A 249 0.79 4.90 5.17
N ILE A 250 1.08 3.76 4.54
CA ILE A 250 2.33 3.54 3.83
C ILE A 250 2.00 3.67 2.36
N GLY A 251 2.38 4.80 1.76
CA GLY A 251 1.91 5.07 0.41
C GLY A 251 2.90 5.88 -0.41
N ARG A 252 2.54 6.05 -1.69
CA ARG A 252 3.36 6.77 -2.63
C ARG A 252 3.12 8.27 -2.53
N GLN A 253 4.20 9.03 -2.57
CA GLN A 253 4.17 10.48 -2.69
C GLN A 253 4.84 10.83 -4.01
N PHE A 254 4.64 12.07 -4.45
CA PHE A 254 5.11 12.49 -5.77
C PHE A 254 5.73 13.87 -5.67
N ARG A 255 6.91 14.02 -6.27
CA ARG A 255 7.61 15.30 -6.35
C ARG A 255 8.11 15.49 -7.77
N ASN A 256 7.86 16.68 -8.32
CA ASN A 256 8.21 17.02 -9.69
C ASN A 256 9.49 17.85 -9.67
N GLU A 257 10.62 17.18 -9.55
CA GLU A 257 11.91 17.84 -9.44
C GLU A 257 12.93 17.08 -10.29
N GLY A 258 14.21 17.25 -9.94
CA GLY A 258 15.26 16.56 -10.67
C GLY A 258 15.37 15.10 -10.30
N ILE A 259 15.74 14.29 -11.29
CA ILE A 259 15.91 12.85 -11.13
C ILE A 259 17.41 12.56 -11.12
N ASP A 260 17.89 11.93 -10.06
CA ASP A 260 19.31 11.58 -9.97
C ASP A 260 19.42 10.35 -9.05
N LEU A 261 20.64 10.10 -8.56
CA LEU A 261 20.88 8.89 -7.79
C LEU A 261 20.17 8.89 -6.44
N THR A 262 19.79 10.07 -5.92
CA THR A 262 19.11 10.14 -4.63
C THR A 262 17.73 10.77 -4.73
N HIS A 263 17.16 10.85 -5.94
CA HIS A 263 15.88 11.51 -6.13
C HIS A 263 15.08 10.78 -7.21
N ASN A 264 13.86 10.38 -6.86
CA ASN A 264 12.93 9.72 -7.75
C ASN A 264 11.58 10.42 -7.69
N PRO A 265 10.91 10.59 -8.84
CA PRO A 265 9.67 11.38 -8.83
C PRO A 265 8.57 10.78 -7.96
N GLU A 266 8.60 9.49 -7.68
CA GLU A 266 7.65 8.85 -6.78
C GLU A 266 8.44 8.04 -5.76
N PHE A 267 7.99 8.07 -4.52
CA PHE A 267 8.70 7.44 -3.40
C PHE A 267 7.66 7.03 -2.37
N THR A 268 8.11 6.33 -1.34
CA THR A 268 7.21 5.74 -0.35
C THR A 268 7.52 6.30 1.03
N THR A 269 6.49 6.77 1.73
CA THR A 269 6.60 7.18 3.12
C THR A 269 5.57 6.46 3.95
N CYS A 270 5.79 6.46 5.26
CA CYS A 270 4.79 6.03 6.24
C CYS A 270 4.54 7.21 7.17
N GLU A 271 3.29 7.62 7.28
CA GLU A 271 2.87 8.62 8.27
C GLU A 271 1.86 7.96 9.20
N PHE A 272 1.92 8.30 10.50
CA PHE A 272 0.87 7.92 11.43
C PHE A 272 0.61 9.07 12.39
N TYR A 273 -0.63 9.15 12.87
CA TYR A 273 -1.08 10.17 13.81
C TYR A 273 -1.80 9.47 14.94
N MET A 274 -1.58 9.94 16.16
CA MET A 274 -1.96 9.21 17.37
C MET A 274 -2.55 10.22 18.35
N ALA A 275 -3.86 10.14 18.57
CA ALA A 275 -4.53 11.05 19.49
C ALA A 275 -4.06 10.83 20.91
N TYR A 276 -3.93 11.94 21.66
CA TYR A 276 -3.59 11.94 23.07
C TYR A 276 -2.16 11.46 23.34
N ALA A 277 -1.31 11.46 22.32
CA ALA A 277 0.12 11.22 22.47
C ALA A 277 0.89 12.51 22.19
N ASP A 278 2.09 12.59 22.76
CA ASP A 278 3.05 13.64 22.43
C ASP A 278 4.32 12.99 21.85
N TYR A 279 5.38 13.80 21.72
CA TYR A 279 6.59 13.31 21.05
C TYR A 279 7.39 12.35 21.93
N HIS A 280 7.20 12.37 23.25
CA HIS A 280 7.85 11.38 24.10
C HIS A 280 7.22 10.00 23.88
N ASP A 281 5.89 9.95 23.74
CA ASP A 281 5.23 8.70 23.41
C ASP A 281 5.77 8.13 22.10
N LEU A 282 5.89 8.98 21.09
CA LEU A 282 6.37 8.55 19.78
C LEU A 282 7.85 8.20 19.81
N MET A 283 8.62 8.87 20.67
CA MET A 283 10.03 8.53 20.83
C MET A 283 10.20 7.09 21.30
N GLU A 284 9.47 6.70 22.35
CA GLU A 284 9.52 5.30 22.79
C GLU A 284 8.97 4.36 21.73
N ILE A 285 7.94 4.79 21.01
CA ILE A 285 7.41 3.95 19.94
C ILE A 285 8.46 3.80 18.84
N THR A 286 9.11 4.89 18.46
CA THR A 286 10.10 4.83 17.40
C THR A 286 11.28 3.96 17.80
N GLU A 287 11.73 4.07 19.05
CA GLU A 287 12.86 3.26 19.50
C GLU A 287 12.53 1.77 19.39
N LYS A 288 11.37 1.36 19.90
CA LYS A 288 11.01 -0.05 19.90
C LYS A 288 10.79 -0.56 18.48
N MET A 289 10.15 0.25 17.63
CA MET A 289 9.87 -0.18 16.26
C MET A 289 11.16 -0.35 15.47
N VAL A 290 12.04 0.65 15.51
CA VAL A 290 13.22 0.63 14.65
C VAL A 290 14.23 -0.40 15.13
N SER A 291 14.49 -0.44 16.44
CA SER A 291 15.43 -1.41 16.97
C SER A 291 14.89 -2.83 16.74
N GLY A 292 13.61 -3.04 17.03
CA GLY A 292 13.02 -4.35 16.83
C GLY A 292 13.01 -4.76 15.36
N MET A 293 12.73 -3.80 14.48
CA MET A 293 12.79 -4.08 13.05
C MET A 293 14.16 -4.62 12.65
N VAL A 294 15.22 -3.92 13.05
CA VAL A 294 16.57 -4.28 12.63
C VAL A 294 16.92 -5.68 13.13
N LYS A 295 16.63 -5.96 14.40
CA LYS A 295 16.97 -7.28 14.94
C LYS A 295 16.15 -8.37 14.27
N HIS A 296 14.87 -8.08 13.98
CA HIS A 296 14.02 -9.11 13.39
C HIS A 296 14.45 -9.44 11.97
N ILE A 297 14.79 -8.43 11.17
CA ILE A 297 15.10 -8.69 9.77
C ILE A 297 16.54 -9.16 9.59
N THR A 298 17.47 -8.64 10.40
CA THR A 298 18.88 -8.93 10.20
C THR A 298 19.43 -9.98 11.17
N GLY A 299 18.83 -10.12 12.35
CA GLY A 299 19.31 -11.04 13.36
C GLY A 299 20.09 -10.39 14.48
N SER A 300 20.41 -9.10 14.34
CA SER A 300 21.25 -8.40 15.30
C SER A 300 20.83 -6.94 15.34
N TYR A 301 21.23 -6.27 16.42
CA TYR A 301 21.13 -4.81 16.45
C TYR A 301 22.27 -4.13 15.70
N LYS A 302 23.35 -4.87 15.41
CA LYS A 302 24.49 -4.30 14.70
C LYS A 302 24.34 -4.49 13.20
N VAL A 303 24.52 -3.39 12.46
CA VAL A 303 24.42 -3.37 11.01
C VAL A 303 25.64 -2.63 10.47
N THR A 304 26.18 -3.13 9.37
CA THR A 304 27.30 -2.51 8.69
C THR A 304 26.81 -1.82 7.43
N TYR A 305 27.33 -0.63 7.15
CA TYR A 305 26.87 0.19 6.05
C TYR A 305 28.04 0.83 5.34
N HIS A 306 27.94 0.93 4.02
CA HIS A 306 29.01 1.45 3.16
C HIS A 306 28.52 2.70 2.42
N PRO A 307 28.67 3.88 3.02
CA PRO A 307 28.13 5.09 2.35
C PRO A 307 28.76 5.39 1.00
N ASP A 308 30.00 4.96 0.75
CA ASP A 308 30.70 5.25 -0.50
C ASP A 308 30.90 4.03 -1.37
N GLY A 309 30.39 2.88 -0.96
CA GLY A 309 30.46 1.69 -1.78
C GLY A 309 31.19 0.56 -1.08
N PRO A 310 31.10 -0.65 -1.65
CA PRO A 310 31.69 -1.81 -0.98
C PRO A 310 33.18 -1.66 -0.69
N GLU A 311 33.92 -0.94 -1.54
CA GLU A 311 35.36 -0.77 -1.37
C GLU A 311 35.72 0.44 -0.54
N GLY A 312 34.73 1.23 -0.10
CA GLY A 312 34.97 2.38 0.73
C GLY A 312 34.83 2.06 2.20
N GLN A 313 34.84 3.11 3.01
CA GLN A 313 34.76 2.96 4.46
C GLN A 313 33.50 2.21 4.88
N ALA A 314 33.64 1.41 5.94
CA ALA A 314 32.53 0.65 6.51
C ALA A 314 32.20 1.22 7.88
N TYR A 315 30.92 1.47 8.13
CA TYR A 315 30.43 2.00 9.39
C TYR A 315 29.65 0.94 10.15
N ASP A 316 29.90 0.85 11.44
CA ASP A 316 29.12 0.00 12.34
C ASP A 316 28.00 0.83 12.94
N VAL A 317 26.76 0.37 12.78
CA VAL A 317 25.59 1.10 13.26
C VAL A 317 24.91 0.23 14.31
N ASP A 318 24.96 0.68 15.57
CA ASP A 318 24.45 -0.09 16.70
C ASP A 318 23.04 0.41 17.03
N PHE A 319 22.04 -0.42 16.76
CA PHE A 319 20.65 -0.11 17.05
C PHE A 319 20.22 -0.60 18.44
N THR A 320 21.16 -1.01 19.28
CA THR A 320 20.82 -1.48 20.60
C THR A 320 20.11 -0.38 21.38
N PRO A 321 18.86 -0.60 21.83
CA PRO A 321 18.21 0.41 22.68
C PRO A 321 18.88 0.47 24.04
N PRO A 322 18.87 1.63 24.70
CA PRO A 322 18.19 2.86 24.24
C PRO A 322 19.03 3.69 23.30
N PHE A 323 18.37 4.36 22.36
CA PHE A 323 19.08 5.27 21.47
C PHE A 323 19.59 6.48 22.23
N ARG A 324 20.73 7.01 21.79
CA ARG A 324 21.24 8.26 22.35
C ARG A 324 20.27 9.40 22.05
N ARG A 325 20.02 10.23 23.06
CA ARG A 325 19.14 11.38 22.93
C ARG A 325 19.93 12.64 23.16
N ILE A 326 19.81 13.60 22.24
CA ILE A 326 20.45 14.90 22.39
C ILE A 326 19.43 15.99 22.14
N ASN A 327 19.53 17.07 22.93
CA ASN A 327 18.75 18.27 22.71
C ASN A 327 19.55 19.22 21.83
N MET A 328 18.93 19.68 20.73
CA MET A 328 19.69 20.36 19.69
C MET A 328 20.52 21.51 20.23
N VAL A 329 19.86 22.48 20.89
CA VAL A 329 20.60 23.68 21.30
C VAL A 329 21.66 23.33 22.32
N GLU A 330 21.31 22.47 23.29
CA GLU A 330 22.27 22.13 24.34
C GLU A 330 23.52 21.48 23.74
N GLU A 331 23.35 20.40 22.97
CA GLU A 331 24.51 19.72 22.42
C GLU A 331 25.24 20.61 21.42
N LEU A 332 24.52 21.44 20.66
CA LEU A 332 25.22 22.38 19.78
C LEU A 332 26.11 23.32 20.59
N GLU A 333 25.63 23.76 21.77
CA GLU A 333 26.47 24.52 22.68
C GLU A 333 27.64 23.68 23.17
N LYS A 334 27.36 22.44 23.58
CA LYS A 334 28.40 21.55 24.08
C LYS A 334 29.41 21.22 22.99
N ALA A 335 28.95 21.05 21.75
CA ALA A 335 29.85 20.71 20.66
C ALA A 335 30.68 21.91 20.22
N LEU A 336 30.05 23.09 20.14
CA LEU A 336 30.80 24.29 19.79
C LEU A 336 31.75 24.71 20.91
N GLY A 337 31.54 24.22 22.13
CA GLY A 337 32.32 24.71 23.25
C GLY A 337 31.97 26.13 23.60
N MET A 338 30.70 26.51 23.42
CA MET A 338 30.30 27.89 23.54
C MET A 338 28.85 27.99 24.01
N LYS A 339 28.55 29.06 24.73
CA LYS A 339 27.20 29.36 25.18
C LYS A 339 26.49 30.17 24.10
N LEU A 340 25.32 29.70 23.68
CA LEU A 340 24.53 30.40 22.68
C LEU A 340 23.57 31.38 23.36
N PRO A 341 22.97 32.28 22.60
CA PRO A 341 21.99 33.19 23.19
C PRO A 341 20.77 32.46 23.75
N GLU A 342 20.05 33.15 24.63
CA GLU A 342 18.84 32.62 25.21
C GLU A 342 17.89 32.13 24.12
N THR A 343 17.19 31.03 24.42
CA THR A 343 16.35 30.40 23.40
C THR A 343 15.16 31.27 23.00
N ASN A 344 14.76 32.23 23.83
CA ASN A 344 13.69 33.15 23.47
C ASN A 344 14.21 34.40 22.76
N LEU A 345 15.51 34.45 22.46
CA LEU A 345 16.09 35.55 21.71
C LEU A 345 16.51 35.15 20.30
N PHE A 346 16.01 34.02 19.81
CA PHE A 346 16.45 33.52 18.51
C PHE A 346 15.84 34.28 17.34
N GLU A 347 15.04 35.31 17.60
CA GLU A 347 14.45 36.11 16.53
C GLU A 347 15.06 37.50 16.44
N THR A 348 15.93 37.89 17.38
CA THR A 348 16.58 39.18 17.28
C THR A 348 17.72 39.13 16.28
N GLU A 349 17.98 40.26 15.63
CA GLU A 349 19.05 40.31 14.65
C GLU A 349 20.42 40.14 15.30
N GLU A 350 20.58 40.55 16.55
CA GLU A 350 21.88 40.39 17.21
C GLU A 350 22.20 38.91 17.42
N THR A 351 21.18 38.07 17.68
CA THR A 351 21.43 36.64 17.78
C THR A 351 21.77 36.05 16.41
N ARG A 352 21.17 36.59 15.35
CA ARG A 352 21.49 36.14 13.99
C ARG A 352 22.93 36.44 13.64
N LYS A 353 23.43 37.61 14.04
CA LYS A 353 24.82 37.98 13.74
C LYS A 353 25.80 37.23 14.62
N ILE A 354 25.44 36.93 15.86
CA ILE A 354 26.27 36.05 16.68
C ILE A 354 26.49 34.72 15.96
N LEU A 355 25.40 34.13 15.45
CA LEU A 355 25.50 32.86 14.76
C LEU A 355 26.23 33.01 13.43
N ASP A 356 25.97 34.09 12.70
CA ASP A 356 26.71 34.33 11.47
C ASP A 356 28.20 34.36 11.75
N ASP A 357 28.62 35.08 12.79
CA ASP A 357 30.03 35.12 13.15
C ASP A 357 30.55 33.73 13.54
N ILE A 358 29.72 32.94 14.23
CA ILE A 358 30.16 31.62 14.64
C ILE A 358 30.41 30.74 13.42
N CYS A 359 29.56 30.85 12.39
CA CYS A 359 29.79 30.08 11.18
C CYS A 359 31.06 30.53 10.47
N VAL A 360 31.34 31.83 10.49
CA VAL A 360 32.58 32.32 9.92
C VAL A 360 33.76 31.74 10.68
N ALA A 361 33.72 31.82 12.02
CA ALA A 361 34.85 31.38 12.83
C ALA A 361 35.11 29.89 12.70
N LYS A 362 34.06 29.08 12.52
CA LYS A 362 34.20 27.64 12.40
C LYS A 362 34.02 27.18 10.96
N ALA A 363 34.12 28.09 10.00
CA ALA A 363 34.15 27.74 8.58
C ALA A 363 32.98 26.83 8.21
N VAL A 364 31.81 27.12 8.76
CA VAL A 364 30.59 26.39 8.43
C VAL A 364 29.94 27.12 7.26
N GLU A 365 29.91 26.47 6.10
CA GLU A 365 29.34 27.07 4.91
C GLU A 365 27.84 27.27 5.11
N CYS A 366 27.36 28.48 4.83
CA CYS A 366 25.93 28.73 4.81
C CYS A 366 25.64 29.74 3.70
N PRO A 367 24.98 29.33 2.62
CA PRO A 367 24.66 30.28 1.55
C PRO A 367 23.55 31.23 1.98
N PRO A 368 23.46 32.41 1.37
CA PRO A 368 22.34 33.32 1.67
C PRO A 368 21.03 32.74 1.17
N PRO A 369 19.89 33.13 1.77
CA PRO A 369 19.87 34.06 2.91
C PRO A 369 20.39 33.42 4.18
N ARG A 370 21.19 34.19 4.91
CA ARG A 370 21.74 33.75 6.20
C ARG A 370 20.78 34.22 7.30
N THR A 371 19.73 33.45 7.49
CA THR A 371 18.79 33.66 8.57
C THR A 371 19.23 32.86 9.78
N THR A 372 18.62 33.15 10.92
CA THR A 372 18.92 32.37 12.11
C THR A 372 18.59 30.89 11.89
N ALA A 373 17.45 30.62 11.24
CA ALA A 373 17.05 29.24 11.00
C ALA A 373 18.07 28.49 10.15
N ARG A 374 18.50 29.11 9.05
CA ARG A 374 19.43 28.42 8.14
C ARG A 374 20.82 28.31 8.76
N LEU A 375 21.27 29.33 9.50
CA LEU A 375 22.57 29.24 10.14
C LEU A 375 22.58 28.14 11.20
N LEU A 376 21.53 28.09 12.02
CA LEU A 376 21.42 27.00 13.00
C LEU A 376 21.44 25.65 12.30
N ASP A 377 20.69 25.51 11.21
CA ASP A 377 20.61 24.24 10.52
C ASP A 377 21.98 23.78 10.03
N LYS A 378 22.77 24.70 9.47
CA LYS A 378 24.09 24.33 8.99
C LYS A 378 25.00 23.95 10.15
N LEU A 379 24.93 24.70 11.26
CA LEU A 379 25.75 24.37 12.42
C LEU A 379 25.36 23.02 13.01
N VAL A 380 24.07 22.72 13.04
CA VAL A 380 23.61 21.45 13.59
C VAL A 380 24.07 20.30 12.70
N GLY A 381 23.96 20.45 11.39
CA GLY A 381 24.39 19.38 10.50
C GLY A 381 25.88 19.13 10.55
N GLU A 382 26.66 20.19 10.78
CA GLU A 382 28.11 20.09 10.79
C GLU A 382 28.69 19.72 12.14
N PHE A 383 27.95 19.94 13.23
CA PHE A 383 28.44 19.63 14.57
C PHE A 383 27.64 18.56 15.29
N LEU A 384 26.41 18.26 14.87
CA LEU A 384 25.60 17.27 15.56
C LEU A 384 25.11 16.13 14.70
N GLU A 385 24.84 16.34 13.41
CA GLU A 385 24.28 15.27 12.59
C GLU A 385 25.35 14.35 12.03
N VAL A 386 26.53 14.91 11.71
CA VAL A 386 27.65 14.11 11.26
C VAL A 386 28.07 13.10 12.31
N THR A 387 27.85 13.41 13.60
CA THR A 387 28.25 12.49 14.66
C THR A 387 27.26 11.35 14.84
N CYS A 388 26.05 11.47 14.27
CA CYS A 388 24.98 10.49 14.52
C CYS A 388 25.16 9.33 13.56
N ILE A 389 25.99 8.36 13.95
CA ILE A 389 26.13 7.11 13.20
C ILE A 389 25.11 6.08 13.66
N ASN A 390 25.10 5.79 14.95
CA ASN A 390 24.03 5.00 15.54
C ASN A 390 22.74 5.81 15.53
N PRO A 391 21.59 5.16 15.65
CA PRO A 391 20.33 5.91 15.76
C PRO A 391 20.39 6.92 16.90
N THR A 392 20.09 8.18 16.58
CA THR A 392 20.20 9.25 17.55
C THR A 392 19.01 10.18 17.43
N PHE A 393 18.31 10.39 18.54
CA PHE A 393 17.22 11.36 18.58
C PHE A 393 17.80 12.76 18.78
N ILE A 394 17.53 13.65 17.84
CA ILE A 394 17.78 15.09 18.01
C ILE A 394 16.44 15.73 18.35
N CYS A 395 16.39 16.48 19.45
CA CYS A 395 15.14 16.85 20.09
C CYS A 395 15.08 18.34 20.38
N ASP A 396 13.83 18.80 20.59
CA ASP A 396 13.53 20.14 21.09
C ASP A 396 14.09 21.24 20.21
N HIS A 397 13.91 21.07 18.90
CA HIS A 397 14.32 22.09 17.95
C HIS A 397 13.66 23.42 18.29
N PRO A 398 14.34 24.54 18.00
CA PRO A 398 13.71 25.85 18.23
C PRO A 398 12.45 26.05 17.42
N GLN A 399 11.56 26.91 17.93
CA GLN A 399 10.33 27.23 17.21
C GLN A 399 10.62 27.86 15.86
N ILE A 400 11.68 28.69 15.79
CA ILE A 400 12.02 29.36 14.55
C ILE A 400 12.40 28.40 13.44
N MET A 401 12.66 27.14 13.79
CA MET A 401 12.97 26.11 12.81
C MET A 401 11.84 25.11 12.60
N SER A 402 10.78 25.17 13.40
CA SER A 402 9.75 24.13 13.44
C SER A 402 8.38 24.76 13.40
N PRO A 403 7.92 25.17 12.21
CA PRO A 403 6.63 25.89 12.14
C PRO A 403 5.43 24.99 12.36
N LEU A 404 5.52 23.71 12.01
CA LEU A 404 4.38 22.81 12.13
C LEU A 404 4.23 22.21 13.51
N ALA A 405 5.22 22.34 14.38
CA ALA A 405 5.23 21.64 15.65
C ALA A 405 4.67 22.52 16.77
N LYS A 406 4.08 21.86 17.77
CA LYS A 406 3.56 22.52 18.95
C LYS A 406 4.71 23.06 19.79
N TRP A 407 4.42 24.09 20.57
CA TRP A 407 5.46 24.72 21.37
C TRP A 407 5.76 23.92 22.63
N HIS A 408 7.02 23.98 23.07
CA HIS A 408 7.46 23.34 24.29
C HIS A 408 7.00 24.14 25.50
N ARG A 409 6.48 23.45 26.51
CA ARG A 409 5.93 24.17 27.66
C ARG A 409 7.02 24.75 28.55
N SER A 410 8.07 23.97 28.79
CA SER A 410 9.08 24.34 29.80
C SER A 410 10.15 25.25 29.24
N LYS A 411 10.63 24.99 28.03
CA LYS A 411 11.72 25.76 27.43
C LYS A 411 11.12 26.69 26.40
N GLU A 412 11.22 28.00 26.66
CA GLU A 412 10.67 28.99 25.74
C GLU A 412 11.45 28.99 24.44
N GLY A 413 10.73 29.08 23.33
CA GLY A 413 11.33 29.11 22.03
C GLY A 413 11.62 27.76 21.41
N LEU A 414 11.43 26.67 22.15
CA LEU A 414 11.61 25.33 21.62
C LEU A 414 10.26 24.69 21.34
N THR A 415 10.28 23.57 20.63
CA THR A 415 9.06 22.86 20.27
C THR A 415 9.12 21.42 20.77
N GLU A 416 7.97 20.74 20.66
CA GLU A 416 7.85 19.34 21.03
C GLU A 416 8.08 18.50 19.77
N ARG A 417 9.35 18.30 19.46
CA ARG A 417 9.76 17.71 18.18
C ARG A 417 10.99 16.85 18.37
N PHE A 418 11.15 15.85 17.49
CA PHE A 418 12.40 15.12 17.39
C PHE A 418 12.62 14.65 15.96
N GLU A 419 13.88 14.33 15.67
CA GLU A 419 14.30 13.71 14.43
C GLU A 419 15.17 12.51 14.76
N LEU A 420 14.90 11.38 14.12
CA LEU A 420 15.75 10.20 14.28
C LEU A 420 16.79 10.19 13.17
N PHE A 421 18.06 10.22 13.56
CA PHE A 421 19.17 10.22 12.62
C PHE A 421 19.90 8.89 12.67
N VAL A 422 20.22 8.37 11.47
CA VAL A 422 20.99 7.15 11.30
C VAL A 422 21.97 7.39 10.17
N MET A 423 23.24 7.05 10.39
CA MET A 423 24.30 7.27 9.40
C MET A 423 24.26 8.69 8.86
N LYS A 424 24.12 9.64 9.79
CA LYS A 424 24.14 11.08 9.52
C LYS A 424 22.94 11.56 8.73
N LYS A 425 21.95 10.70 8.48
CA LYS A 425 20.78 11.09 7.72
C LYS A 425 19.53 10.91 8.59
N GLU A 426 18.53 11.74 8.33
CA GLU A 426 17.26 11.67 9.03
C GLU A 426 16.43 10.55 8.42
N ILE A 427 15.77 9.76 9.27
CA ILE A 427 14.93 8.70 8.76
C ILE A 427 13.47 8.81 9.20
N CYS A 428 13.22 9.46 10.33
CA CYS A 428 11.85 9.82 10.66
C CYS A 428 11.79 11.10 11.49
N ASN A 429 10.68 11.82 11.35
CA ASN A 429 10.41 13.08 12.02
C ASN A 429 9.08 12.93 12.75
N ALA A 430 8.97 13.52 13.94
CA ALA A 430 7.74 13.45 14.70
C ALA A 430 7.63 14.69 15.58
N TYR A 431 6.39 15.12 15.82
CA TYR A 431 6.14 16.24 16.72
C TYR A 431 4.68 16.22 17.16
N THR A 432 4.40 17.00 18.21
CA THR A 432 3.03 17.23 18.67
C THR A 432 2.36 18.19 17.69
N GLU A 433 1.19 17.80 17.20
CA GLU A 433 0.57 18.54 16.10
C GLU A 433 -0.11 19.80 16.60
N LEU A 434 -0.46 20.68 15.65
CA LEU A 434 -1.25 21.87 15.94
C LEU A 434 -2.72 21.54 15.78
N ASN A 435 -3.54 21.98 16.73
CA ASN A 435 -4.98 21.76 16.69
C ASN A 435 -5.80 23.03 16.86
N ASP A 436 -5.17 24.18 17.09
CA ASP A 436 -5.91 25.44 17.11
C ASP A 436 -6.26 25.80 15.68
N PRO A 437 -7.55 25.91 15.33
CA PRO A 437 -7.89 26.19 13.92
C PRO A 437 -7.42 27.56 13.45
N MET A 438 -7.38 28.56 14.32
CA MET A 438 -6.87 29.87 13.92
C MET A 438 -5.37 29.79 13.64
N ARG A 439 -4.65 28.99 14.42
CA ARG A 439 -3.21 28.87 14.22
C ARG A 439 -2.89 28.13 12.92
N GLN A 440 -3.64 27.08 12.61
CA GLN A 440 -3.44 26.37 11.35
C GLN A 440 -3.72 27.29 10.17
N ARG A 441 -4.76 28.13 10.29
CA ARG A 441 -5.09 29.08 9.23
C ARG A 441 -3.96 30.09 9.06
N GLN A 442 -3.35 30.53 10.16
CA GLN A 442 -2.19 31.41 10.07
C GLN A 442 -1.07 30.74 9.29
N LEU A 443 -0.76 29.50 9.62
CA LEU A 443 0.33 28.78 8.96
C LEU A 443 0.04 28.59 7.48
N PHE A 444 -1.21 28.27 7.13
CA PHE A 444 -1.58 28.14 5.72
C PHE A 444 -1.43 29.46 5.00
N GLU A 445 -1.78 30.57 5.66
CA GLU A 445 -1.62 31.88 5.04
C GLU A 445 -0.15 32.21 4.82
N GLU A 446 0.71 31.84 5.79
CA GLU A 446 2.14 32.10 5.61
C GLU A 446 2.73 31.25 4.51
N GLN A 447 2.29 30.00 4.39
CA GLN A 447 2.70 29.15 3.27
C GLN A 447 2.24 29.74 1.94
N ALA A 448 1.02 30.27 1.90
CA ALA A 448 0.48 30.80 0.66
C ALA A 448 1.25 32.03 0.20
N LYS A 449 1.59 32.93 1.14
CA LYS A 449 2.31 34.16 0.73
C LYS A 449 3.65 33.80 0.08
N ALA A 450 4.39 32.83 0.63
CA ALA A 450 5.64 32.41 0.04
C ALA A 450 5.44 31.63 -1.26
N LYS A 451 4.48 32.05 -2.06
CA LYS A 451 4.20 31.41 -3.35
C LYS A 451 3.52 32.41 -4.30
N PHE A 460 -1.36 27.04 -0.77
CA PHE A 460 -2.67 27.64 -0.64
C PHE A 460 -3.34 27.18 0.66
N ILE A 461 -4.61 27.57 0.84
CA ILE A 461 -5.34 27.35 2.08
C ILE A 461 -6.35 26.24 1.87
N ASP A 462 -6.24 25.18 2.68
CA ASP A 462 -7.19 24.08 2.67
C ASP A 462 -8.35 24.46 3.58
N GLU A 463 -9.35 25.14 3.01
CA GLU A 463 -10.48 25.56 3.82
C GLU A 463 -11.18 24.37 4.47
N ASN A 464 -11.31 23.27 3.73
CA ASN A 464 -11.99 22.10 4.27
C ASN A 464 -11.28 21.61 5.54
N PHE A 465 -9.95 21.55 5.51
CA PHE A 465 -9.23 21.08 6.69
C PHE A 465 -9.32 22.07 7.84
N CYS A 466 -9.38 23.37 7.55
CA CYS A 466 -9.59 24.35 8.60
C CYS A 466 -10.93 24.13 9.28
N THR A 467 -11.97 23.87 8.48
CA THR A 467 -13.29 23.59 9.04
C THR A 467 -13.24 22.36 9.94
N ALA A 468 -12.59 21.29 9.48
CA ALA A 468 -12.51 20.08 10.30
C ALA A 468 -11.89 20.38 11.66
N LEU A 469 -10.87 21.24 11.69
CA LEU A 469 -10.27 21.62 12.96
C LEU A 469 -11.25 22.44 13.81
N GLU A 470 -12.12 23.21 13.17
CA GLU A 470 -13.12 23.97 13.90
C GLU A 470 -14.14 23.06 14.58
N TYR A 471 -14.29 21.83 14.11
CA TYR A 471 -15.11 20.84 14.79
C TYR A 471 -14.39 20.22 15.99
N GLY A 472 -13.07 20.29 16.03
CA GLY A 472 -12.32 19.85 17.18
C GLY A 472 -11.36 18.72 16.89
N LEU A 473 -10.06 19.02 16.88
CA LEU A 473 -9.04 17.99 16.79
C LEU A 473 -8.47 17.76 18.18
N PRO A 474 -8.47 16.54 18.70
CA PRO A 474 -7.87 16.31 20.02
C PRO A 474 -6.37 16.52 19.98
N PRO A 475 -5.71 16.70 21.13
CA PRO A 475 -4.25 16.71 21.13
C PRO A 475 -3.71 15.47 20.44
N THR A 476 -2.84 15.67 19.45
CA THR A 476 -2.40 14.60 18.58
C THR A 476 -0.93 14.78 18.25
N ALA A 477 -0.26 13.65 18.04
CA ALA A 477 1.14 13.60 17.65
C ALA A 477 1.28 12.92 16.30
N GLY A 478 2.15 13.46 15.46
CA GLY A 478 2.36 12.93 14.12
C GLY A 478 3.74 12.33 13.95
N TRP A 479 3.91 11.48 12.94
CA TRP A 479 5.12 10.71 12.73
C TRP A 479 5.24 10.42 11.24
N GLY A 480 6.47 10.55 10.72
CA GLY A 480 6.72 10.30 9.31
C GLY A 480 8.06 9.66 9.06
N MET A 481 8.11 8.67 8.18
CA MET A 481 9.36 7.97 7.88
C MET A 481 9.48 7.77 6.38
N GLY A 482 10.67 8.05 5.85
CA GLY A 482 10.99 7.70 4.48
C GLY A 482 11.39 6.24 4.37
N ILE A 483 10.56 5.44 3.70
CA ILE A 483 10.82 4.01 3.58
C ILE A 483 12.06 3.77 2.73
N ASP A 484 12.24 4.55 1.66
CA ASP A 484 13.31 4.29 0.71
C ASP A 484 14.67 4.44 1.40
N ARG A 485 14.85 5.50 2.19
CA ARG A 485 16.13 5.70 2.87
C ARG A 485 16.37 4.63 3.92
N VAL A 486 15.32 4.22 4.64
CA VAL A 486 15.45 3.11 5.57
C VAL A 486 15.84 1.85 4.81
N ALA A 487 15.23 1.61 3.65
CA ALA A 487 15.58 0.44 2.86
C ALA A 487 17.04 0.49 2.42
N MET A 488 17.49 1.66 1.94
CA MET A 488 18.89 1.81 1.58
C MET A 488 19.80 1.39 2.73
N PHE A 489 19.57 1.96 3.92
CA PHE A 489 20.48 1.73 5.03
C PHE A 489 20.47 0.28 5.50
N LEU A 490 19.37 -0.43 5.28
CA LEU A 490 19.24 -1.82 5.72
C LEU A 490 19.58 -2.83 4.63
N THR A 491 19.73 -2.39 3.38
CA THR A 491 20.24 -3.23 2.30
C THR A 491 21.67 -2.85 1.91
N ASP A 492 22.33 -2.02 2.72
CA ASP A 492 23.67 -1.53 2.41
C ASP A 492 23.75 -0.97 1.00
N SER A 493 22.85 -0.02 0.72
CA SER A 493 22.80 0.68 -0.56
C SER A 493 23.07 2.15 -0.33
N ASN A 494 23.99 2.72 -1.11
CA ASN A 494 24.28 4.15 -1.04
C ASN A 494 23.56 4.94 -2.14
N ASN A 495 22.43 4.41 -2.61
CA ASN A 495 21.81 4.84 -3.85
C ASN A 495 20.34 4.48 -3.75
N ILE A 496 19.47 5.38 -4.22
CA ILE A 496 18.04 5.10 -4.09
C ILE A 496 17.58 4.13 -5.17
N LYS A 497 18.21 4.14 -6.34
CA LYS A 497 17.83 3.20 -7.38
C LYS A 497 18.07 1.75 -6.98
N GLU A 498 18.96 1.51 -6.01
CA GLU A 498 19.19 0.15 -5.54
C GLU A 498 18.00 -0.43 -4.80
N VAL A 499 17.13 0.41 -4.22
CA VAL A 499 15.99 -0.05 -3.45
C VAL A 499 14.67 0.20 -4.17
N LEU A 500 14.71 0.73 -5.38
CA LEU A 500 13.52 0.90 -6.21
C LEU A 500 13.53 -0.17 -7.30
N LEU A 501 12.48 -0.98 -7.35
CA LEU A 501 12.41 -2.04 -8.36
C LEU A 501 12.64 -1.46 -9.76
N PHE A 502 11.84 -0.46 -10.15
CA PHE A 502 11.96 0.17 -11.46
C PHE A 502 12.18 1.66 -11.26
N PRO A 503 13.42 2.08 -11.06
CA PRO A 503 13.67 3.51 -10.81
C PRO A 503 13.43 4.35 -12.06
N ALA A 504 12.96 5.58 -11.84
CA ALA A 504 12.87 6.54 -12.93
C ALA A 504 14.26 6.77 -13.51
N MET A 505 14.32 6.92 -14.82
CA MET A 505 15.59 7.00 -15.53
C MET A 505 15.53 8.11 -16.56
N LYS A 506 16.59 8.90 -16.62
CA LYS A 506 16.70 9.95 -17.61
C LYS A 506 16.78 9.37 -19.01
N PRO A 507 16.01 9.89 -19.98
CA PRO A 507 15.85 9.18 -21.25
C PRO A 507 17.19 8.97 -21.95
N GLU A 508 17.34 7.80 -22.55
CA GLU A 508 18.52 7.49 -23.34
C GLU A 508 18.62 8.35 -24.59
N SER B 2 -34.60 30.85 16.58
CA SER B 2 -33.47 29.99 16.94
C SER B 2 -32.16 30.51 16.37
N VAL B 3 -31.04 30.11 16.97
CA VAL B 3 -29.74 30.45 16.41
C VAL B 3 -29.52 29.66 15.12
N ASP B 4 -28.95 30.31 14.10
CA ASP B 4 -28.56 29.61 12.89
C ASP B 4 -27.11 29.17 12.97
N PRO B 5 -26.71 28.22 12.12
CA PRO B 5 -25.33 27.69 12.23
C PRO B 5 -24.22 28.73 12.20
N ASN B 6 -24.35 29.77 11.38
CA ASN B 6 -23.30 30.77 11.28
C ASN B 6 -23.21 31.61 12.55
N GLN B 7 -24.35 31.97 13.12
CA GLN B 7 -24.35 32.73 14.37
C GLN B 7 -23.79 31.89 15.51
N TYR B 8 -24.15 30.61 15.57
CA TYR B 8 -23.57 29.74 16.58
C TYR B 8 -22.05 29.72 16.45
N TYR B 9 -21.55 29.55 15.22
CA TYR B 9 -20.10 29.50 15.00
C TYR B 9 -19.44 30.80 15.40
N LYS B 10 -20.07 31.94 15.09
CA LYS B 10 -19.48 33.22 15.45
C LYS B 10 -19.46 33.42 16.97
N ILE B 11 -20.57 33.09 17.63
CA ILE B 11 -20.66 33.27 19.08
C ILE B 11 -19.66 32.38 19.80
N ARG B 12 -19.53 31.13 19.36
CA ARG B 12 -18.65 30.20 20.04
C ARG B 12 -17.18 30.52 19.78
N SER B 13 -16.84 31.00 18.58
CA SER B 13 -15.47 31.42 18.32
C SER B 13 -15.07 32.57 19.22
N GLN B 14 -15.99 33.52 19.43
CA GLN B 14 -15.74 34.62 20.36
C GLN B 14 -15.48 34.08 21.76
N ALA B 15 -16.33 33.15 22.22
CA ALA B 15 -16.16 32.62 23.58
C ALA B 15 -14.80 31.95 23.73
N ILE B 16 -14.39 31.16 22.74
CA ILE B 16 -13.10 30.49 22.80
C ILE B 16 -11.98 31.51 22.70
N HIS B 17 -12.13 32.52 21.86
CA HIS B 17 -11.15 33.60 21.83
C HIS B 17 -11.07 34.29 23.18
N GLN B 18 -12.23 34.49 23.83
CA GLN B 18 -12.24 35.10 25.16
C GLN B 18 -11.51 34.20 26.16
N LEU B 19 -11.69 32.88 26.05
CA LEU B 19 -10.97 31.98 26.93
C LEU B 19 -9.46 32.17 26.80
N LYS B 20 -8.98 32.35 25.57
CA LYS B 20 -7.54 32.54 25.36
C LYS B 20 -7.04 33.78 26.10
N VAL B 21 -7.59 34.96 25.77
CA VAL B 21 -7.08 36.18 26.37
C VAL B 21 -7.21 36.13 27.89
N ASN B 22 -8.12 35.30 28.42
CA ASN B 22 -8.33 35.16 29.85
C ASN B 22 -7.37 34.17 30.49
N GLY B 23 -6.35 33.71 29.76
CA GLY B 23 -5.38 32.81 30.31
C GLY B 23 -5.83 31.38 30.41
N GLU B 24 -7.02 31.05 29.92
CA GLU B 24 -7.52 29.68 29.91
C GLU B 24 -7.56 29.25 28.46
N ASP B 25 -6.42 28.80 27.94
CA ASP B 25 -6.37 28.47 26.53
C ASP B 25 -7.03 27.11 26.32
N PRO B 26 -8.11 27.03 25.54
CA PRO B 26 -8.90 25.78 25.44
C PRO B 26 -8.24 24.71 24.57
N TYR B 27 -6.98 24.93 24.17
CA TYR B 27 -6.18 23.98 23.40
C TYR B 27 -4.92 23.83 24.24
N PRO B 28 -4.94 22.95 25.25
CA PRO B 28 -3.72 22.74 26.06
C PRO B 28 -2.76 21.72 25.43
N HIS B 29 -1.52 21.78 25.89
CA HIS B 29 -0.46 21.00 25.26
C HIS B 29 -0.84 19.53 25.09
N LYS B 30 -1.29 18.88 26.16
CA LYS B 30 -1.62 17.47 26.05
C LYS B 30 -2.57 17.06 27.17
N PHE B 31 -3.05 15.82 27.06
CA PHE B 31 -3.84 15.17 28.10
C PHE B 31 -3.49 13.70 28.05
N HIS B 32 -2.76 13.21 29.05
CA HIS B 32 -2.39 11.80 29.07
C HIS B 32 -3.58 10.98 29.59
N VAL B 33 -3.98 9.99 28.80
CA VAL B 33 -5.10 9.12 29.15
C VAL B 33 -4.56 7.90 29.90
N ASP B 34 -5.17 7.59 31.04
CA ASP B 34 -4.74 6.42 31.81
C ASP B 34 -5.34 5.14 31.25
N ILE B 35 -6.50 5.23 30.61
CA ILE B 35 -7.24 4.06 30.17
C ILE B 35 -8.19 4.49 29.07
N SER B 36 -8.38 3.61 28.09
CA SER B 36 -9.32 3.90 27.02
C SER B 36 -10.74 3.65 27.50
N LEU B 37 -11.70 4.26 26.80
CA LEU B 37 -13.10 4.04 27.15
C LEU B 37 -13.46 2.57 27.07
N THR B 38 -12.93 1.87 26.05
CA THR B 38 -13.26 0.45 25.88
C THR B 38 -12.72 -0.38 27.05
N ASP B 39 -11.48 -0.12 27.47
CA ASP B 39 -10.94 -0.83 28.63
C ASP B 39 -11.72 -0.49 29.89
N PHE B 40 -12.07 0.79 30.06
CA PHE B 40 -12.83 1.22 31.22
C PHE B 40 -14.16 0.48 31.33
N ILE B 41 -14.86 0.34 30.21
CA ILE B 41 -16.15 -0.34 30.23
C ILE B 41 -15.98 -1.81 30.58
N GLN B 42 -15.00 -2.48 29.97
CA GLN B 42 -14.78 -3.89 30.26
C GLN B 42 -14.25 -4.11 31.66
N LYS B 43 -13.45 -3.16 32.18
CA LYS B 43 -12.89 -3.35 33.51
C LYS B 43 -13.91 -3.07 34.61
N TYR B 44 -14.91 -2.23 34.33
CA TYR B 44 -15.83 -1.77 35.36
C TYR B 44 -17.30 -1.98 35.01
N SER B 45 -17.61 -2.82 34.03
CA SER B 45 -19.01 -3.12 33.79
C SER B 45 -19.61 -3.98 34.89
N HIS B 46 -18.78 -4.69 35.66
CA HIS B 46 -19.26 -5.60 36.69
C HIS B 46 -19.81 -4.89 37.92
N LEU B 47 -19.63 -3.57 38.03
CA LEU B 47 -20.05 -2.88 39.23
C LEU B 47 -21.57 -2.92 39.38
N GLN B 48 -22.06 -2.73 40.63
CA GLN B 48 -23.46 -2.80 41.02
C GLN B 48 -24.07 -1.40 41.04
N PRO B 49 -25.37 -1.28 40.73
CA PRO B 49 -26.01 0.05 40.79
C PRO B 49 -25.83 0.70 42.15
N GLY B 50 -25.20 1.87 42.15
CA GLY B 50 -24.92 2.62 43.35
C GLY B 50 -23.45 2.67 43.72
N ASP B 51 -22.64 1.79 43.14
CA ASP B 51 -21.23 1.72 43.49
C ASP B 51 -20.51 3.00 43.11
N HIS B 52 -19.47 3.31 43.89
CA HIS B 52 -18.62 4.48 43.65
C HIS B 52 -17.25 4.15 44.25
N LEU B 53 -16.24 4.04 43.41
CA LEU B 53 -14.89 3.71 43.88
C LEU B 53 -14.15 5.02 44.14
N THR B 54 -14.32 5.56 45.35
CA THR B 54 -13.56 6.76 45.69
C THR B 54 -12.07 6.50 45.83
N ASP B 55 -11.64 5.26 45.62
CA ASP B 55 -10.26 4.85 45.83
C ASP B 55 -9.48 4.70 44.52
N ILE B 56 -10.09 4.99 43.38
CA ILE B 56 -9.46 4.83 42.08
C ILE B 56 -9.76 6.07 41.26
N THR B 57 -8.72 6.80 40.88
CA THR B 57 -8.83 7.96 40.00
C THR B 57 -8.20 7.64 38.65
N LEU B 58 -8.94 7.89 37.58
CA LEU B 58 -8.49 7.57 36.24
C LEU B 58 -8.77 8.73 35.31
N LYS B 59 -7.94 8.86 34.27
CA LYS B 59 -8.11 9.89 33.26
C LYS B 59 -8.57 9.23 31.96
N VAL B 60 -9.72 9.66 31.47
CA VAL B 60 -10.27 9.24 30.18
C VAL B 60 -10.52 10.49 29.36
N ALA B 61 -10.86 10.29 28.09
CA ALA B 61 -11.15 11.41 27.22
C ALA B 61 -12.12 10.97 26.13
N GLY B 62 -12.73 11.96 25.47
CA GLY B 62 -13.65 11.69 24.40
C GLY B 62 -14.31 12.97 23.94
N ARG B 63 -15.43 12.81 23.24
CA ARG B 63 -16.20 13.92 22.71
C ARG B 63 -17.59 13.91 23.32
N ILE B 64 -18.05 15.08 23.75
CA ILE B 64 -19.37 15.21 24.34
C ILE B 64 -20.43 15.12 23.26
N HIS B 65 -21.32 14.14 23.38
CA HIS B 65 -22.45 14.02 22.46
C HIS B 65 -23.77 14.46 23.05
N ALA B 66 -23.90 14.49 24.38
CA ALA B 66 -25.12 14.93 25.03
C ALA B 66 -24.73 15.50 26.38
N LYS B 67 -25.38 16.61 26.74
CA LYS B 67 -25.13 17.30 28.00
C LYS B 67 -26.49 17.58 28.63
N ARG B 68 -26.79 16.93 29.75
CA ARG B 68 -28.10 17.02 30.37
C ARG B 68 -27.94 17.54 31.78
N ALA B 69 -28.40 18.77 32.03
CA ALA B 69 -28.43 19.31 33.37
C ALA B 69 -29.58 18.67 34.13
N SER B 70 -29.38 18.41 35.42
CA SER B 70 -30.39 17.79 36.25
C SER B 70 -30.94 18.80 37.24
N GLY B 71 -30.13 19.27 38.19
CA GLY B 71 -30.63 20.25 39.15
C GLY B 71 -29.83 21.53 39.37
N GLY B 72 -28.67 21.67 38.74
CA GLY B 72 -27.82 22.83 38.95
C GLY B 72 -26.55 22.53 39.71
N LYS B 73 -26.50 21.40 40.41
CA LYS B 73 -25.29 20.86 41.01
C LYS B 73 -25.05 19.43 40.54
N LEU B 74 -25.68 19.05 39.43
CA LEU B 74 -25.50 17.72 38.85
C LEU B 74 -25.73 17.81 37.35
N ILE B 75 -24.74 17.37 36.56
CA ILE B 75 -24.82 17.38 35.11
C ILE B 75 -24.36 16.03 34.59
N PHE B 76 -25.02 15.54 33.54
CA PHE B 76 -24.68 14.28 32.91
C PHE B 76 -24.15 14.56 31.50
N TYR B 77 -23.00 13.97 31.19
CA TYR B 77 -22.38 14.10 29.87
C TYR B 77 -22.31 12.74 29.20
N ASP B 78 -22.73 12.68 27.94
CA ASP B 78 -22.61 11.47 27.13
C ASP B 78 -21.27 11.57 26.40
N LEU B 79 -20.28 10.80 26.86
CA LEU B 79 -18.92 10.87 26.36
C LEU B 79 -18.68 9.71 25.39
N ARG B 80 -18.25 10.03 24.18
CA ARG B 80 -18.16 9.03 23.11
C ARG B 80 -16.74 8.95 22.58
N GLY B 81 -16.33 7.74 22.22
CA GLY B 81 -15.05 7.51 21.60
C GLY B 81 -14.86 6.05 21.25
N GLU B 82 -14.02 5.77 20.25
CA GLU B 82 -13.70 4.40 19.85
C GLU B 82 -14.97 3.60 19.56
N GLY B 83 -16.02 4.28 19.13
CA GLY B 83 -17.28 3.63 18.88
C GLY B 83 -18.05 3.22 20.11
N VAL B 84 -17.64 3.67 21.30
CA VAL B 84 -18.37 3.34 22.53
C VAL B 84 -18.76 4.62 23.26
N LYS B 85 -19.35 4.48 24.45
CA LYS B 85 -19.97 5.58 25.14
C LYS B 85 -19.86 5.35 26.64
N LEU B 86 -19.64 6.44 27.38
CA LEU B 86 -19.52 6.35 28.83
C LEU B 86 -20.11 7.62 29.43
N GLN B 87 -20.87 7.46 30.50
CA GLN B 87 -21.52 8.59 31.14
C GLN B 87 -20.58 9.28 32.12
N VAL B 88 -20.56 10.60 32.07
CA VAL B 88 -19.87 11.43 33.05
C VAL B 88 -20.95 12.00 33.96
N MET B 89 -21.00 11.53 35.20
CA MET B 89 -21.91 12.04 36.22
C MET B 89 -21.16 13.15 36.95
N ALA B 90 -21.23 14.36 36.41
CA ALA B 90 -20.56 15.52 37.00
C ALA B 90 -21.37 15.97 38.21
N ASN B 91 -20.92 15.58 39.40
CA ASN B 91 -21.61 15.89 40.65
C ASN B 91 -20.79 16.89 41.43
N SER B 92 -21.38 18.06 41.70
CA SER B 92 -20.62 19.16 42.27
C SER B 92 -19.88 18.77 43.53
N ARG B 93 -20.54 18.00 44.41
CA ARG B 93 -19.91 17.66 45.69
C ARG B 93 -18.65 16.81 45.51
N ASN B 94 -18.49 16.15 44.37
CA ASN B 94 -17.31 15.32 44.14
C ASN B 94 -16.25 16.03 43.30
N TYR B 95 -16.54 17.23 42.80
CA TYR B 95 -15.60 17.94 41.96
C TYR B 95 -14.53 18.62 42.81
N LYS B 96 -13.46 19.05 42.14
CA LYS B 96 -12.37 19.76 42.80
C LYS B 96 -12.90 20.83 43.74
N SER B 97 -13.78 21.68 43.24
CA SER B 97 -14.45 22.69 44.05
C SER B 97 -15.71 23.11 43.30
N GLU B 98 -16.67 23.64 44.05
CA GLU B 98 -17.95 23.98 43.45
C GLU B 98 -17.83 25.20 42.54
N GLU B 99 -16.93 26.14 42.86
CA GLU B 99 -16.75 27.31 42.01
C GLU B 99 -16.16 26.90 40.67
N GLU B 100 -15.18 25.99 40.68
CA GLU B 100 -14.61 25.48 39.44
C GLU B 100 -15.58 24.59 38.68
N PHE B 101 -16.43 23.86 39.41
CA PHE B 101 -17.45 23.02 38.77
C PHE B 101 -18.39 23.88 37.93
N ILE B 102 -18.85 24.98 38.49
CA ILE B 102 -19.68 25.93 37.73
C ILE B 102 -18.92 26.41 36.50
N HIS B 103 -17.65 26.76 36.67
CA HIS B 103 -16.89 27.41 35.61
C HIS B 103 -16.68 26.47 34.42
N ILE B 104 -16.46 25.18 34.68
CA ILE B 104 -16.20 24.25 33.59
C ILE B 104 -17.47 23.88 32.86
N ASN B 105 -18.58 23.72 33.59
CA ASN B 105 -19.83 23.35 32.93
C ASN B 105 -20.35 24.50 32.07
N ASN B 106 -20.11 25.75 32.49
CA ASN B 106 -20.60 26.90 31.75
C ASN B 106 -19.93 27.06 30.39
N LYS B 107 -18.72 26.52 30.22
CA LYS B 107 -18.02 26.67 28.95
C LYS B 107 -18.21 25.48 28.01
N LEU B 108 -18.60 24.33 28.52
CA LEU B 108 -18.67 23.12 27.71
C LEU B 108 -19.97 23.05 26.92
N ARG B 109 -19.86 22.70 25.64
CA ARG B 109 -21.00 22.53 24.75
C ARG B 109 -20.94 21.15 24.11
N ARG B 110 -22.05 20.74 23.51
CA ARG B 110 -22.08 19.51 22.74
C ARG B 110 -21.00 19.56 21.66
N GLY B 111 -20.32 18.44 21.48
CA GLY B 111 -19.25 18.34 20.51
C GLY B 111 -17.87 18.60 21.04
N ASP B 112 -17.74 19.16 22.24
CA ASP B 112 -16.42 19.48 22.76
C ASP B 112 -15.67 18.21 23.13
N ILE B 113 -14.38 18.21 22.83
CA ILE B 113 -13.47 17.16 23.28
C ILE B 113 -12.97 17.54 24.66
N ILE B 114 -13.16 16.66 25.64
CA ILE B 114 -12.80 16.94 27.01
C ILE B 114 -12.00 15.77 27.58
N GLY B 115 -11.17 16.08 28.57
CA GLY B 115 -10.50 15.08 29.39
C GLY B 115 -11.17 15.02 30.75
N VAL B 116 -11.32 13.81 31.27
CA VAL B 116 -12.03 13.59 32.52
C VAL B 116 -11.13 12.82 33.46
N GLN B 117 -10.84 13.40 34.63
CA GLN B 117 -10.12 12.74 35.70
C GLN B 117 -11.11 12.50 36.84
N GLY B 118 -11.37 11.24 37.15
CA GLY B 118 -12.37 10.94 38.15
C GLY B 118 -12.38 9.48 38.56
N ASN B 119 -13.48 9.09 39.22
CA ASN B 119 -13.62 7.78 39.85
C ASN B 119 -14.63 6.91 39.09
N PRO B 120 -14.37 5.62 38.96
CA PRO B 120 -15.40 4.73 38.41
C PRO B 120 -16.58 4.61 39.36
N GLY B 121 -17.75 4.36 38.79
CA GLY B 121 -18.95 4.19 39.59
C GLY B 121 -20.12 3.82 38.70
N LYS B 122 -21.25 3.53 39.36
CA LYS B 122 -22.47 3.17 38.67
C LYS B 122 -23.64 3.88 39.33
N THR B 123 -24.49 4.50 38.52
CA THR B 123 -25.58 5.30 39.05
C THR B 123 -26.66 4.40 39.66
N LYS B 124 -27.68 5.04 40.24
CA LYS B 124 -28.78 4.30 40.84
C LYS B 124 -29.59 3.58 39.77
N LYS B 125 -29.68 4.15 38.57
CA LYS B 125 -30.34 3.49 37.44
C LYS B 125 -29.51 2.35 36.87
N GLY B 126 -28.24 2.23 37.25
CA GLY B 126 -27.41 1.18 36.72
C GLY B 126 -26.63 1.53 35.47
N GLU B 127 -26.21 2.80 35.32
CA GLU B 127 -25.44 3.25 34.17
C GLU B 127 -23.99 3.44 34.59
N LEU B 128 -23.07 2.73 33.92
CA LEU B 128 -21.66 2.88 34.24
C LEU B 128 -21.20 4.30 33.97
N SER B 129 -20.53 4.90 34.95
CA SER B 129 -20.22 6.32 34.90
C SER B 129 -18.83 6.56 35.49
N ILE B 130 -18.33 7.77 35.23
CA ILE B 130 -17.12 8.27 35.87
C ILE B 130 -17.49 9.56 36.58
N ILE B 131 -17.18 9.63 37.88
CA ILE B 131 -17.48 10.80 38.70
C ILE B 131 -16.26 11.72 38.68
N PRO B 132 -16.30 12.82 37.94
CA PRO B 132 -15.08 13.58 37.69
C PRO B 132 -14.61 14.38 38.89
N TYR B 133 -13.31 14.32 39.14
CA TYR B 133 -12.66 15.27 40.02
C TYR B 133 -12.23 16.52 39.28
N GLU B 134 -11.94 16.41 37.98
CA GLU B 134 -11.56 17.55 37.16
C GLU B 134 -11.86 17.25 35.71
N ILE B 135 -12.51 18.20 35.03
CA ILE B 135 -12.78 18.13 33.61
C ILE B 135 -12.00 19.25 32.93
N THR B 136 -11.37 18.92 31.80
CA THR B 136 -10.56 19.88 31.06
C THR B 136 -11.05 19.95 29.64
N LEU B 137 -11.36 21.16 29.17
CA LEU B 137 -11.68 21.37 27.76
C LEU B 137 -10.38 21.27 26.96
N LEU B 138 -10.31 20.29 26.07
CA LEU B 138 -9.13 20.01 25.27
C LEU B 138 -9.20 20.59 23.87
N SER B 139 -10.37 20.52 23.25
CA SER B 139 -10.62 21.12 21.96
C SER B 139 -12.10 21.36 21.82
N PRO B 140 -12.55 22.60 21.65
CA PRO B 140 -13.98 22.86 21.53
C PRO B 140 -14.47 22.71 20.09
N CYS B 141 -15.73 22.30 19.98
CA CYS B 141 -16.41 22.24 18.69
C CYS B 141 -17.04 23.60 18.43
N LEU B 142 -16.52 24.33 17.44
CA LEU B 142 -17.01 25.65 17.15
C LEU B 142 -18.27 25.66 16.30
N HIS B 143 -18.65 24.54 15.72
CA HIS B 143 -19.80 24.49 14.83
C HIS B 143 -20.99 23.81 15.51
N MET B 144 -22.17 24.16 15.03
CA MET B 144 -23.40 23.57 15.53
C MET B 144 -23.59 22.19 14.91
N LEU B 145 -23.73 21.19 15.74
CA LEU B 145 -23.95 19.82 15.31
C LEU B 145 -25.43 19.57 15.08
N PRO B 146 -25.77 18.59 14.25
CA PRO B 146 -27.18 18.25 14.04
C PRO B 146 -27.86 17.90 15.37
N HIS B 147 -29.19 18.06 15.38
CA HIS B 147 -29.96 17.70 16.56
C HIS B 147 -29.64 16.27 16.97
N LEU B 148 -29.47 16.05 18.27
CA LEU B 148 -29.30 14.69 18.77
C LEU B 148 -30.51 13.85 18.41
N HIS B 149 -30.25 12.63 17.93
CA HIS B 149 -31.21 11.65 17.44
C HIS B 149 -31.61 11.92 15.98
N PHE B 150 -31.18 13.02 15.37
CA PHE B 150 -31.45 13.29 13.97
C PHE B 150 -30.22 13.05 13.09
N GLY B 151 -29.03 13.32 13.61
CA GLY B 151 -27.80 12.92 12.97
C GLY B 151 -27.62 13.49 11.58
N LEU B 152 -26.70 12.87 10.85
CA LEU B 152 -26.35 13.27 9.49
C LEU B 152 -26.71 12.13 8.55
N LYS B 153 -27.66 12.39 7.66
CA LYS B 153 -28.19 11.40 6.75
C LYS B 153 -28.01 11.79 5.28
N ASP B 154 -27.89 13.08 4.98
CA ASP B 154 -27.67 13.54 3.62
C ASP B 154 -26.32 13.05 3.11
N LYS B 155 -26.36 12.20 2.08
CA LYS B 155 -25.15 11.54 1.60
C LYS B 155 -24.11 12.54 1.12
N GLU B 156 -24.53 13.57 0.37
CA GLU B 156 -23.55 14.53 -0.13
C GLU B 156 -22.77 15.18 1.01
N THR B 157 -23.48 15.54 2.09
CA THR B 157 -22.79 16.13 3.24
C THR B 157 -21.86 15.12 3.90
N ARG B 158 -22.31 13.87 4.06
CA ARG B 158 -21.46 12.86 4.65
C ARG B 158 -20.16 12.69 3.85
N TYR B 159 -20.26 12.64 2.52
CA TYR B 159 -19.09 12.35 1.69
C TYR B 159 -18.15 13.55 1.60
N ARG B 160 -18.67 14.77 1.69
CA ARG B 160 -17.85 15.96 1.64
C ARG B 160 -17.25 16.34 2.99
N GLN B 161 -17.80 15.80 4.09
CA GLN B 161 -17.27 16.04 5.44
C GLN B 161 -17.21 14.69 6.16
N ARG B 162 -16.21 13.87 5.80
CA ARG B 162 -16.14 12.53 6.35
C ARG B 162 -15.93 12.57 7.87
N TYR B 163 -15.17 13.56 8.36
CA TYR B 163 -14.98 13.68 9.80
C TYR B 163 -16.31 13.87 10.53
N LEU B 164 -17.22 14.66 9.95
CA LEU B 164 -18.54 14.82 10.55
C LEU B 164 -19.34 13.53 10.46
N ASP B 165 -19.26 12.83 9.32
CA ASP B 165 -19.92 11.53 9.19
C ASP B 165 -19.43 10.55 10.24
N LEU B 166 -18.11 10.52 10.49
CA LEU B 166 -17.58 9.59 11.49
C LEU B 166 -17.93 10.02 12.92
N ILE B 167 -18.02 11.33 13.16
CA ILE B 167 -18.40 11.79 14.49
C ILE B 167 -19.80 11.29 14.84
N LEU B 168 -20.70 11.28 13.87
CA LEU B 168 -22.11 11.05 14.11
C LEU B 168 -22.57 9.63 13.83
N ASN B 169 -21.88 8.90 12.96
CA ASN B 169 -22.38 7.62 12.46
C ASN B 169 -21.36 6.52 12.68
N ASP B 170 -21.63 5.65 13.66
CA ASP B 170 -20.68 4.58 13.99
C ASP B 170 -20.60 3.53 12.89
N PHE B 171 -21.72 3.24 12.23
CA PHE B 171 -21.69 2.23 11.17
C PHE B 171 -20.67 2.59 10.10
N VAL B 172 -20.43 3.89 9.89
CA VAL B 172 -19.40 4.32 8.97
C VAL B 172 -18.03 3.91 9.48
N ARG B 173 -17.79 4.04 10.78
CA ARG B 173 -16.54 3.57 11.35
C ARG B 173 -16.39 2.06 11.14
N GLN B 174 -17.46 1.31 11.36
CA GLN B 174 -17.38 -0.14 11.18
C GLN B 174 -17.08 -0.50 9.73
N LYS B 175 -17.61 0.28 8.78
CA LYS B 175 -17.33 0.00 7.37
C LYS B 175 -15.84 0.05 7.08
N PHE B 176 -15.17 1.12 7.48
CA PHE B 176 -13.76 1.28 7.14
C PHE B 176 -12.86 0.39 7.98
N ILE B 177 -13.33 -0.07 9.14
CA ILE B 177 -12.63 -1.16 9.82
C ILE B 177 -12.68 -2.43 8.98
N ILE B 178 -13.86 -2.75 8.44
CA ILE B 178 -13.99 -3.91 7.56
C ILE B 178 -13.05 -3.77 6.36
N ARG B 179 -13.01 -2.58 5.75
CA ARG B 179 -12.19 -2.41 4.55
C ARG B 179 -10.72 -2.69 4.84
N SER B 180 -10.21 -2.18 5.96
CA SER B 180 -8.83 -2.43 6.33
C SER B 180 -8.59 -3.92 6.63
N LYS B 181 -9.55 -4.57 7.28
CA LYS B 181 -9.40 -5.99 7.56
C LYS B 181 -9.28 -6.79 6.27
N ILE B 182 -10.00 -6.39 5.22
CA ILE B 182 -9.94 -7.11 3.95
C ILE B 182 -8.54 -7.05 3.37
N ILE B 183 -7.97 -5.84 3.29
CA ILE B 183 -6.63 -5.68 2.74
C ILE B 183 -5.62 -6.44 3.59
N THR B 184 -5.72 -6.29 4.92
CA THR B 184 -4.82 -7.03 5.80
C THR B 184 -4.96 -8.53 5.59
N TYR B 185 -6.19 -9.01 5.42
CA TYR B 185 -6.38 -10.44 5.22
C TYR B 185 -5.72 -10.91 3.93
N ILE B 186 -5.86 -10.14 2.86
CA ILE B 186 -5.27 -10.51 1.57
C ILE B 186 -3.77 -10.63 1.69
N ARG B 187 -3.13 -9.67 2.35
CA ARG B 187 -1.69 -9.72 2.53
C ARG B 187 -1.28 -10.95 3.31
N SER B 188 -2.00 -11.24 4.40
CA SER B 188 -1.67 -12.42 5.19
C SER B 188 -1.77 -13.69 4.35
N PHE B 189 -2.84 -13.82 3.57
CA PHE B 189 -3.03 -15.02 2.76
C PHE B 189 -1.90 -15.20 1.76
N LEU B 190 -1.58 -14.15 1.00
CA LEU B 190 -0.55 -14.27 -0.03
C LEU B 190 0.84 -14.37 0.57
N ASP B 191 1.13 -13.58 1.61
CA ASP B 191 2.44 -13.68 2.25
C ASP B 191 2.71 -15.11 2.72
N GLU B 192 1.69 -15.78 3.25
CA GLU B 192 1.84 -17.16 3.71
C GLU B 192 2.10 -18.12 2.57
N LEU B 193 1.69 -17.77 1.34
CA LEU B 193 1.98 -18.56 0.16
C LEU B 193 3.30 -18.17 -0.52
N GLY B 194 4.14 -17.39 0.17
CA GLY B 194 5.45 -17.05 -0.35
C GLY B 194 5.47 -15.96 -1.40
N PHE B 195 4.41 -15.17 -1.52
CA PHE B 195 4.40 -14.05 -2.45
C PHE B 195 5.19 -12.88 -1.87
N LEU B 196 5.88 -12.16 -2.74
CA LEU B 196 6.61 -10.95 -2.35
C LEU B 196 5.74 -9.74 -2.65
N GLU B 197 5.48 -8.93 -1.63
CA GLU B 197 4.72 -7.70 -1.82
C GLU B 197 5.62 -6.62 -2.39
N ILE B 198 5.26 -6.09 -3.55
CA ILE B 198 6.16 -5.23 -4.32
C ILE B 198 5.49 -3.90 -4.60
N GLU B 199 6.34 -2.93 -4.96
CA GLU B 199 5.91 -1.60 -5.39
C GLU B 199 6.48 -1.31 -6.76
N THR B 200 5.60 -1.04 -7.72
CA THR B 200 5.99 -0.75 -9.08
C THR B 200 5.52 0.64 -9.47
N PRO B 201 6.07 1.22 -10.54
CA PRO B 201 5.78 2.63 -10.82
C PRO B 201 4.30 2.91 -11.07
N MET B 202 3.83 4.02 -10.53
CA MET B 202 2.55 4.59 -10.88
C MET B 202 2.63 5.62 -12.01
N MET B 203 3.84 6.06 -12.37
CA MET B 203 4.04 6.99 -13.46
C MET B 203 4.85 6.28 -14.53
N ASN B 204 4.40 6.36 -15.78
CA ASN B 204 5.04 5.68 -16.88
C ASN B 204 5.22 6.65 -18.04
N ILE B 205 6.24 6.39 -18.86
CA ILE B 205 6.50 7.23 -20.02
C ILE B 205 5.53 6.96 -21.15
N ILE B 206 4.94 5.76 -21.19
CA ILE B 206 3.99 5.39 -22.23
C ILE B 206 2.66 5.02 -21.61
N PRO B 207 1.53 5.33 -22.27
CA PRO B 207 0.23 4.98 -21.69
C PRO B 207 -0.12 3.50 -21.81
N GLY B 208 0.27 2.88 -22.92
CA GLY B 208 -0.03 1.49 -23.15
C GLY B 208 -1.39 1.27 -23.79
N GLY B 209 -1.65 0.00 -24.12
CA GLY B 209 -2.69 -0.34 -25.07
C GLY B 209 -4.11 -0.34 -24.54
N ALA B 210 -4.30 -0.31 -23.23
CA ALA B 210 -5.65 -0.33 -22.69
C ALA B 210 -6.46 0.83 -23.24
N VAL B 211 -7.75 0.59 -23.48
CA VAL B 211 -8.61 1.65 -23.98
C VAL B 211 -8.79 2.77 -22.97
N ALA B 212 -8.48 2.52 -21.70
CA ALA B 212 -8.75 3.49 -20.65
C ALA B 212 -8.10 4.83 -20.96
N LYS B 213 -8.87 5.92 -20.74
CA LYS B 213 -8.37 7.28 -20.91
C LYS B 213 -7.50 7.67 -19.72
N PRO B 214 -6.30 8.19 -19.95
CA PRO B 214 -5.34 8.33 -18.84
C PRO B 214 -5.20 9.73 -18.27
N PHE B 215 -4.63 9.82 -17.08
CA PHE B 215 -4.19 11.07 -16.51
C PHE B 215 -2.78 11.37 -17.00
N ILE B 216 -2.57 12.56 -17.53
CA ILE B 216 -1.29 12.97 -18.10
C ILE B 216 -0.73 14.09 -17.25
N THR B 217 0.55 13.98 -16.89
CA THR B 217 1.21 15.03 -16.14
C THR B 217 2.59 15.27 -16.72
N TYR B 218 3.07 16.50 -16.60
CA TYR B 218 4.30 16.95 -17.22
C TYR B 218 5.42 16.95 -16.21
N HIS B 219 6.55 16.35 -16.56
CA HIS B 219 7.75 16.36 -15.75
C HIS B 219 8.67 17.46 -16.27
N ASN B 220 8.91 18.47 -15.45
CA ASN B 220 9.62 19.66 -15.91
C ASN B 220 11.09 19.36 -16.17
N GLU B 221 11.74 18.64 -15.27
CA GLU B 221 13.16 18.33 -15.44
C GLU B 221 13.41 17.49 -16.68
N LEU B 222 12.46 16.63 -17.04
CA LEU B 222 12.62 15.76 -18.18
C LEU B 222 12.02 16.32 -19.46
N ASP B 223 11.29 17.43 -19.37
CA ASP B 223 10.59 17.98 -20.53
C ASP B 223 9.80 16.88 -21.24
N MET B 224 8.97 16.17 -20.46
CA MET B 224 8.30 14.98 -20.96
C MET B 224 6.99 14.79 -20.22
N ASN B 225 6.06 14.12 -20.88
CA ASN B 225 4.78 13.77 -20.27
C ASN B 225 4.86 12.38 -19.64
N LEU B 226 4.12 12.21 -18.56
CA LEU B 226 3.99 10.94 -17.89
C LEU B 226 2.51 10.58 -17.78
N TYR B 227 2.24 9.29 -17.70
CA TYR B 227 0.87 8.77 -17.69
C TYR B 227 0.68 7.98 -16.41
N MET B 228 -0.39 8.26 -15.68
CA MET B 228 -0.68 7.52 -14.47
C MET B 228 -1.11 6.10 -14.83
N ARG B 229 -0.64 5.14 -14.05
CA ARG B 229 -0.85 3.74 -14.39
C ARG B 229 -2.33 3.37 -14.23
N ILE B 230 -2.74 2.37 -15.01
CA ILE B 230 -4.03 1.74 -14.80
C ILE B 230 -3.88 0.35 -14.18
N ALA B 231 -2.76 -0.34 -14.41
CA ALA B 231 -2.51 -1.63 -13.80
C ALA B 231 -1.01 -1.84 -13.69
N PRO B 232 -0.54 -2.58 -12.68
CA PRO B 232 0.89 -2.89 -12.58
C PRO B 232 1.33 -4.09 -13.40
N GLU B 233 0.44 -4.64 -14.22
CA GLU B 233 0.64 -5.95 -14.84
C GLU B 233 2.05 -6.14 -15.39
N LEU B 234 2.49 -5.24 -16.26
CA LEU B 234 3.72 -5.48 -17.01
C LEU B 234 4.95 -5.50 -16.10
N TYR B 235 4.99 -4.64 -15.07
CA TYR B 235 6.12 -4.66 -14.16
C TYR B 235 6.19 -5.97 -13.39
N HIS B 236 5.03 -6.52 -13.01
CA HIS B 236 5.02 -7.76 -12.25
C HIS B 236 5.58 -8.90 -13.06
N LYS B 237 5.19 -9.00 -14.34
CA LYS B 237 5.70 -10.10 -15.15
C LYS B 237 7.19 -9.94 -15.40
N MET B 238 7.67 -8.70 -15.57
CA MET B 238 9.11 -8.49 -15.69
C MET B 238 9.85 -9.01 -14.45
N LEU B 239 9.23 -8.89 -13.27
CA LEU B 239 9.84 -9.44 -12.06
C LEU B 239 9.77 -10.97 -12.07
N VAL B 240 8.70 -11.55 -12.63
CA VAL B 240 8.65 -12.99 -12.77
C VAL B 240 9.74 -13.47 -13.73
N VAL B 241 10.00 -12.69 -14.78
CA VAL B 241 11.12 -13.00 -15.67
C VAL B 241 12.43 -12.98 -14.89
N GLY B 242 12.57 -12.00 -13.99
CA GLY B 242 13.74 -11.89 -13.15
C GLY B 242 13.90 -12.95 -12.10
N GLY B 243 12.95 -13.87 -11.98
CA GLY B 243 13.07 -14.99 -11.07
C GLY B 243 12.30 -14.87 -9.78
N ILE B 244 11.55 -13.79 -9.58
CA ILE B 244 10.66 -13.66 -8.43
C ILE B 244 9.32 -14.25 -8.88
N ASP B 245 9.08 -15.51 -8.48
CA ASP B 245 8.02 -16.30 -9.09
C ASP B 245 6.63 -15.87 -8.64
N ARG B 246 6.52 -15.29 -7.44
CA ARG B 246 5.23 -14.96 -6.85
C ARG B 246 5.31 -13.53 -6.35
N VAL B 247 4.52 -12.64 -6.96
CA VAL B 247 4.51 -11.23 -6.64
C VAL B 247 3.07 -10.77 -6.52
N TYR B 248 2.83 -9.81 -5.62
CA TYR B 248 1.53 -9.16 -5.55
C TYR B 248 1.69 -7.70 -5.16
N GLU B 249 0.68 -6.90 -5.51
CA GLU B 249 0.67 -5.48 -5.24
C GLU B 249 -0.77 -5.05 -4.99
N ILE B 250 -1.03 -4.48 -3.83
CA ILE B 250 -2.31 -3.85 -3.51
C ILE B 250 -2.08 -2.35 -3.59
N GLY B 251 -2.52 -1.73 -4.68
CA GLY B 251 -2.16 -0.35 -4.91
C GLY B 251 -3.21 0.44 -5.65
N ARG B 252 -2.93 1.74 -5.77
CA ARG B 252 -3.84 2.66 -6.41
C ARG B 252 -3.66 2.63 -7.93
N GLN B 253 -4.78 2.67 -8.64
CA GLN B 253 -4.82 2.85 -10.08
C GLN B 253 -5.59 4.14 -10.39
N PHE B 254 -5.47 4.62 -11.62
CA PHE B 254 -6.04 5.92 -11.97
C PHE B 254 -6.73 5.84 -13.33
N ARG B 255 -7.95 6.37 -13.39
CA ARG B 255 -8.71 6.45 -14.63
C ARG B 255 -9.31 7.84 -14.75
N ASN B 256 -9.16 8.45 -15.92
CA ASN B 256 -9.61 9.82 -16.18
C ASN B 256 -10.94 9.75 -16.93
N GLU B 257 -12.01 9.55 -16.17
CA GLU B 257 -13.33 9.37 -16.76
C GLU B 257 -14.35 10.11 -15.90
N GLY B 258 -15.62 9.69 -16.02
CA GLY B 258 -16.67 10.34 -15.26
C GLY B 258 -16.69 9.92 -13.79
N ILE B 259 -17.09 10.86 -12.95
CA ILE B 259 -17.16 10.66 -11.50
C ILE B 259 -18.64 10.55 -11.14
N ASP B 260 -19.01 9.43 -10.50
CA ASP B 260 -20.38 9.23 -10.05
C ASP B 260 -20.36 8.25 -8.89
N LEU B 261 -21.52 7.67 -8.58
CA LEU B 261 -21.64 6.80 -7.42
C LEU B 261 -20.89 5.48 -7.57
N THR B 262 -20.58 5.06 -8.79
CA THR B 262 -19.85 3.81 -8.99
C THR B 262 -18.51 4.01 -9.68
N HIS B 263 -18.02 5.25 -9.72
CA HIS B 263 -16.76 5.54 -10.41
C HIS B 263 -16.00 6.63 -9.67
N ASN B 264 -14.73 6.36 -9.34
CA ASN B 264 -13.84 7.30 -8.69
C ASN B 264 -12.54 7.37 -9.48
N PRO B 265 -11.97 8.57 -9.64
CA PRO B 265 -10.77 8.70 -10.49
C PRO B 265 -9.58 7.88 -10.00
N GLU B 266 -9.51 7.57 -8.72
CA GLU B 266 -8.47 6.71 -8.15
C GLU B 266 -9.15 5.62 -7.34
N PHE B 267 -8.62 4.40 -7.44
CA PHE B 267 -9.23 3.23 -6.81
C PHE B 267 -8.11 2.24 -6.49
N THR B 268 -8.48 1.15 -5.81
CA THR B 268 -7.52 0.18 -5.31
C THR B 268 -7.80 -1.19 -5.92
N THR B 269 -6.76 -1.80 -6.47
CA THR B 269 -6.82 -3.17 -6.93
C THR B 269 -5.72 -3.99 -6.26
N CYS B 270 -5.88 -5.31 -6.31
CA CYS B 270 -4.81 -6.24 -5.96
C CYS B 270 -4.57 -7.13 -7.17
N GLU B 271 -3.34 -7.16 -7.66
CA GLU B 271 -2.92 -8.08 -8.69
C GLU B 271 -1.80 -8.96 -8.13
N PHE B 272 -1.80 -10.24 -8.51
CA PHE B 272 -0.69 -11.13 -8.22
C PHE B 272 -0.44 -12.02 -9.42
N TYR B 273 0.83 -12.41 -9.60
CA TYR B 273 1.28 -13.28 -10.67
C TYR B 273 2.09 -14.39 -10.04
N MET B 274 1.90 -15.61 -10.55
CA MET B 274 2.39 -16.82 -9.90
C MET B 274 2.95 -17.74 -10.97
N ALA B 275 4.28 -17.89 -10.97
CA ALA B 275 4.94 -18.73 -11.96
C ALA B 275 4.58 -20.19 -11.76
N TYR B 276 4.39 -20.89 -12.89
CA TYR B 276 4.11 -22.33 -12.93
C TYR B 276 2.74 -22.70 -12.39
N ALA B 277 1.83 -21.74 -12.31
CA ALA B 277 0.43 -22.00 -12.01
C ALA B 277 -0.41 -21.72 -13.24
N ASP B 278 -1.59 -22.34 -13.29
CA ASP B 278 -2.61 -22.01 -14.28
C ASP B 278 -3.87 -21.52 -13.55
N TYR B 279 -4.97 -21.38 -14.29
CA TYR B 279 -6.15 -20.79 -13.68
C TYR B 279 -6.87 -21.74 -12.73
N HIS B 280 -6.67 -23.05 -12.87
CA HIS B 280 -7.22 -23.97 -11.88
C HIS B 280 -6.52 -23.82 -10.54
N ASP B 281 -5.20 -23.61 -10.56
CA ASP B 281 -4.49 -23.31 -9.32
C ASP B 281 -5.03 -22.05 -8.67
N LEU B 282 -5.24 -21.00 -9.46
CA LEU B 282 -5.75 -19.74 -8.93
C LEU B 282 -7.21 -19.85 -8.52
N MET B 283 -7.98 -20.70 -9.20
CA MET B 283 -9.36 -20.93 -8.78
C MET B 283 -9.42 -21.48 -7.36
N GLU B 284 -8.61 -22.50 -7.08
CA GLU B 284 -8.55 -23.04 -5.72
C GLU B 284 -8.04 -21.99 -4.74
N ILE B 285 -7.09 -21.17 -5.18
CA ILE B 285 -6.57 -20.09 -4.34
C ILE B 285 -7.65 -19.07 -4.06
N THR B 286 -8.41 -18.69 -5.10
CA THR B 286 -9.45 -17.69 -4.91
C THR B 286 -10.54 -18.19 -3.98
N GLU B 287 -10.95 -19.45 -4.13
CA GLU B 287 -11.99 -20.00 -3.27
C GLU B 287 -11.58 -19.93 -1.81
N LYS B 288 -10.37 -20.38 -1.50
CA LYS B 288 -9.94 -20.40 -0.10
C LYS B 288 -9.78 -18.99 0.45
N MET B 289 -9.22 -18.08 -0.35
CA MET B 289 -9.01 -16.72 0.13
C MET B 289 -10.33 -16.01 0.39
N VAL B 290 -11.26 -16.07 -0.56
CA VAL B 290 -12.48 -15.29 -0.47
C VAL B 290 -13.41 -15.86 0.60
N SER B 291 -13.57 -17.19 0.60
CA SER B 291 -14.41 -17.81 1.63
C SER B 291 -13.81 -17.58 3.01
N GLY B 292 -12.49 -17.80 3.14
CA GLY B 292 -11.85 -17.60 4.42
C GLY B 292 -11.91 -16.16 4.89
N MET B 293 -11.72 -15.22 3.95
CA MET B 293 -11.84 -13.81 4.30
C MET B 293 -13.20 -13.51 4.90
N VAL B 294 -14.27 -13.93 4.22
CA VAL B 294 -15.61 -13.60 4.67
C VAL B 294 -15.86 -14.19 6.05
N LYS B 295 -15.51 -15.47 6.24
CA LYS B 295 -15.77 -16.10 7.53
C LYS B 295 -14.93 -15.45 8.63
N HIS B 296 -13.68 -15.10 8.30
CA HIS B 296 -12.80 -14.53 9.32
C HIS B 296 -13.25 -13.13 9.74
N ILE B 297 -13.64 -12.30 8.78
CA ILE B 297 -13.99 -10.93 9.10
C ILE B 297 -15.42 -10.83 9.63
N THR B 298 -16.32 -11.69 9.15
CA THR B 298 -17.74 -11.60 9.46
C THR B 298 -18.18 -12.57 10.54
N GLY B 299 -17.51 -13.71 10.67
CA GLY B 299 -17.92 -14.74 11.59
C GLY B 299 -18.68 -15.88 10.94
N SER B 300 -19.07 -15.73 9.68
CA SER B 300 -19.88 -16.73 9.01
C SER B 300 -19.56 -16.70 7.52
N TYR B 301 -19.90 -17.80 6.85
CA TYR B 301 -19.91 -17.79 5.40
C TYR B 301 -21.15 -17.09 4.85
N LYS B 302 -22.16 -16.88 5.69
CA LYS B 302 -23.43 -16.29 5.28
C LYS B 302 -23.34 -14.78 5.41
N VAL B 303 -23.66 -14.08 4.32
CA VAL B 303 -23.66 -12.61 4.31
C VAL B 303 -24.90 -12.12 3.59
N THR B 304 -25.53 -11.09 4.13
CA THR B 304 -26.69 -10.47 3.52
C THR B 304 -26.27 -9.12 2.94
N TYR B 305 -26.83 -8.79 1.78
CA TYR B 305 -26.45 -7.60 1.04
C TYR B 305 -27.69 -6.93 0.48
N HIS B 306 -27.68 -5.59 0.46
CA HIS B 306 -28.83 -4.78 0.06
C HIS B 306 -28.48 -3.98 -1.19
N PRO B 307 -28.73 -4.53 -2.38
CA PRO B 307 -28.29 -3.83 -3.60
C PRO B 307 -28.94 -2.47 -3.79
N ASP B 308 -30.16 -2.27 -3.29
CA ASP B 308 -30.89 -1.04 -3.51
C ASP B 308 -31.06 -0.21 -2.25
N GLY B 309 -30.48 -0.62 -1.13
CA GLY B 309 -30.54 0.15 0.07
C GLY B 309 -31.14 -0.61 1.23
N PRO B 310 -31.03 -0.05 2.44
CA PRO B 310 -31.49 -0.79 3.63
C PRO B 310 -32.95 -1.19 3.56
N GLU B 311 -33.80 -0.39 2.91
CA GLU B 311 -35.23 -0.68 2.85
C GLU B 311 -35.61 -1.52 1.64
N GLY B 312 -34.65 -1.85 0.77
CA GLY B 312 -34.92 -2.64 -0.40
C GLY B 312 -34.68 -4.11 -0.18
N GLN B 313 -34.78 -4.86 -1.26
CA GLN B 313 -34.66 -6.31 -1.17
C GLN B 313 -33.33 -6.71 -0.52
N ALA B 314 -33.38 -7.80 0.23
CA ALA B 314 -32.20 -8.35 0.89
C ALA B 314 -31.83 -9.67 0.23
N TYR B 315 -30.56 -9.81 -0.13
CA TYR B 315 -30.04 -11.02 -0.77
C TYR B 315 -29.13 -11.72 0.23
N ASP B 316 -29.30 -13.04 0.35
CA ASP B 316 -28.43 -13.87 1.18
C ASP B 316 -27.32 -14.44 0.29
N VAL B 317 -26.08 -14.18 0.66
CA VAL B 317 -24.91 -14.58 -0.13
C VAL B 317 -24.12 -15.62 0.66
N ASP B 318 -24.11 -16.86 0.17
CA ASP B 318 -23.49 -17.98 0.85
C ASP B 318 -22.10 -18.22 0.28
N PHE B 319 -21.07 -17.95 1.08
CA PHE B 319 -19.69 -18.16 0.68
C PHE B 319 -19.16 -19.54 1.08
N THR B 320 -20.03 -20.45 1.49
CA THR B 320 -19.60 -21.78 1.88
C THR B 320 -18.89 -22.45 0.72
N PRO B 321 -17.62 -22.84 0.86
CA PRO B 321 -16.96 -23.59 -0.22
C PRO B 321 -17.56 -24.99 -0.33
N PRO B 322 -17.57 -25.57 -1.54
CA PRO B 322 -17.01 -25.00 -2.77
C PRO B 322 -17.96 -24.06 -3.50
N PHE B 323 -17.39 -23.04 -4.16
CA PHE B 323 -18.20 -22.14 -4.98
C PHE B 323 -18.76 -22.88 -6.18
N ARG B 324 -19.95 -22.46 -6.62
CA ARG B 324 -20.53 -23.01 -7.83
C ARG B 324 -19.64 -22.69 -9.02
N ARG B 325 -19.40 -23.69 -9.86
CA ARG B 325 -18.58 -23.53 -11.05
C ARG B 325 -19.44 -23.76 -12.29
N ILE B 326 -19.40 -22.83 -13.22
CA ILE B 326 -20.10 -22.96 -14.49
C ILE B 326 -19.14 -22.65 -15.62
N ASN B 327 -19.26 -23.39 -16.72
CA ASN B 327 -18.56 -23.09 -17.95
C ASN B 327 -19.44 -22.21 -18.82
N MET B 328 -18.90 -21.08 -19.25
CA MET B 328 -19.73 -20.04 -19.86
C MET B 328 -20.59 -20.58 -21.00
N VAL B 329 -19.96 -21.17 -22.00
CA VAL B 329 -20.70 -21.56 -23.20
C VAL B 329 -21.72 -22.64 -22.89
N GLU B 330 -21.35 -23.64 -22.09
CA GLU B 330 -22.27 -24.71 -21.76
C GLU B 330 -23.50 -24.17 -21.02
N GLU B 331 -23.28 -23.42 -19.93
CA GLU B 331 -24.42 -22.92 -19.19
C GLU B 331 -25.22 -21.91 -20.01
N LEU B 332 -24.56 -21.10 -20.84
CA LEU B 332 -25.32 -20.22 -21.72
C LEU B 332 -26.22 -21.03 -22.65
N GLU B 333 -25.74 -22.17 -23.13
CA GLU B 333 -26.59 -23.07 -23.91
C GLU B 333 -27.73 -23.61 -23.06
N LYS B 334 -27.41 -24.07 -21.85
CA LYS B 334 -28.44 -24.63 -20.97
C LYS B 334 -29.45 -23.59 -20.55
N ALA B 335 -29.00 -22.34 -20.33
CA ALA B 335 -29.94 -21.30 -19.91
C ALA B 335 -30.83 -20.87 -21.05
N LEU B 336 -30.29 -20.75 -22.26
CA LEU B 336 -31.10 -20.43 -23.44
C LEU B 336 -31.98 -21.60 -23.86
N GLY B 337 -31.68 -22.81 -23.40
CA GLY B 337 -32.40 -23.99 -23.86
C GLY B 337 -32.13 -24.35 -25.30
N MET B 338 -30.94 -24.05 -25.81
CA MET B 338 -30.63 -24.22 -27.22
C MET B 338 -29.14 -24.46 -27.39
N LYS B 339 -28.79 -25.19 -28.44
CA LYS B 339 -27.42 -25.51 -28.75
C LYS B 339 -26.80 -24.39 -29.56
N LEU B 340 -25.65 -23.90 -29.11
CA LEU B 340 -24.91 -22.87 -29.81
C LEU B 340 -23.94 -23.52 -30.79
N PRO B 341 -23.40 -22.74 -31.72
CA PRO B 341 -22.41 -23.31 -32.65
C PRO B 341 -21.16 -23.80 -31.95
N GLU B 342 -20.44 -24.68 -32.64
CA GLU B 342 -19.17 -25.21 -32.15
C GLU B 342 -18.25 -24.06 -31.77
N THR B 343 -17.45 -24.28 -30.72
CA THR B 343 -16.66 -23.20 -30.15
C THR B 343 -15.56 -22.71 -31.08
N ASN B 344 -15.15 -23.50 -32.08
CA ASN B 344 -14.16 -23.06 -33.04
C ASN B 344 -14.77 -22.36 -34.23
N LEU B 345 -16.09 -22.14 -34.23
CA LEU B 345 -16.77 -21.40 -35.28
C LEU B 345 -17.21 -20.01 -34.82
N PHE B 346 -16.68 -19.54 -33.70
CA PHE B 346 -17.11 -18.27 -33.12
C PHE B 346 -16.55 -17.06 -33.84
N GLU B 347 -15.76 -17.26 -34.89
CA GLU B 347 -15.20 -16.14 -35.65
C GLU B 347 -15.83 -15.99 -37.03
N THR B 348 -16.66 -16.94 -37.47
CA THR B 348 -17.34 -16.80 -38.75
C THR B 348 -18.55 -15.87 -38.60
N GLU B 349 -18.87 -15.18 -39.69
CA GLU B 349 -20.00 -14.26 -39.67
C GLU B 349 -21.32 -15.02 -39.51
N GLU B 350 -21.36 -16.29 -39.90
CA GLU B 350 -22.59 -17.07 -39.78
C GLU B 350 -22.98 -17.25 -38.32
N THR B 351 -22.00 -17.47 -37.44
CA THR B 351 -22.32 -17.54 -36.01
C THR B 351 -22.62 -16.17 -35.44
N ARG B 352 -22.01 -15.11 -35.99
CA ARG B 352 -22.29 -13.76 -35.49
C ARG B 352 -23.76 -13.41 -35.64
N LYS B 353 -24.36 -13.72 -36.79
CA LYS B 353 -25.78 -13.40 -36.97
C LYS B 353 -26.65 -14.38 -36.19
N ILE B 354 -26.20 -15.65 -36.05
CA ILE B 354 -26.92 -16.57 -35.17
C ILE B 354 -27.08 -15.94 -33.80
N LEU B 355 -25.99 -15.40 -33.26
CA LEU B 355 -26.06 -14.76 -31.95
C LEU B 355 -26.84 -13.45 -32.01
N ASP B 356 -26.66 -12.68 -33.09
CA ASP B 356 -27.44 -11.46 -33.24
C ASP B 356 -28.94 -11.76 -33.20
N ASP B 357 -29.35 -12.80 -33.91
CA ASP B 357 -30.76 -13.19 -33.89
C ASP B 357 -31.19 -13.62 -32.50
N ILE B 358 -30.31 -14.35 -31.81
CA ILE B 358 -30.67 -14.82 -30.49
C ILE B 358 -30.94 -13.63 -29.58
N CYS B 359 -30.14 -12.57 -29.73
CA CYS B 359 -30.39 -11.38 -28.92
C CYS B 359 -31.71 -10.71 -29.29
N VAL B 360 -32.03 -10.68 -30.58
CA VAL B 360 -33.33 -10.15 -30.99
C VAL B 360 -34.45 -10.98 -30.41
N ALA B 361 -34.37 -12.30 -30.55
CA ALA B 361 -35.46 -13.17 -30.12
C ALA B 361 -35.65 -13.14 -28.60
N LYS B 362 -34.58 -12.95 -27.84
CA LYS B 362 -34.64 -12.95 -26.39
C LYS B 362 -34.55 -11.54 -25.81
N ALA B 363 -34.77 -10.53 -26.64
CA ALA B 363 -34.85 -9.13 -26.18
C ALA B 363 -33.65 -8.77 -25.30
N VAL B 364 -32.47 -9.24 -25.69
CA VAL B 364 -31.23 -8.90 -25.01
C VAL B 364 -30.64 -7.68 -25.70
N GLU B 365 -30.59 -6.56 -24.99
CA GLU B 365 -30.06 -5.33 -25.55
C GLU B 365 -28.58 -5.46 -25.85
N CYS B 366 -28.18 -5.05 -27.06
CA CYS B 366 -26.77 -4.94 -27.39
C CYS B 366 -26.51 -3.74 -28.29
N PRO B 367 -25.87 -2.71 -27.78
CA PRO B 367 -25.53 -1.55 -28.63
C PRO B 367 -24.41 -1.87 -29.59
N PRO B 368 -24.23 -1.09 -30.64
CA PRO B 368 -23.14 -1.36 -31.58
C PRO B 368 -21.79 -1.17 -30.91
N PRO B 369 -20.73 -1.83 -31.41
CA PRO B 369 -20.82 -2.80 -32.52
C PRO B 369 -21.43 -4.11 -32.04
N ARG B 370 -22.30 -4.73 -32.85
CA ARG B 370 -22.81 -6.06 -32.52
C ARG B 370 -21.84 -7.07 -33.12
N THR B 371 -20.76 -7.30 -32.38
CA THR B 371 -19.78 -8.32 -32.69
C THR B 371 -20.14 -9.60 -31.96
N THR B 372 -19.52 -10.71 -32.34
CA THR B 372 -19.75 -11.95 -31.61
C THR B 372 -19.34 -11.79 -30.14
N ALA B 373 -18.19 -11.14 -29.91
CA ALA B 373 -17.71 -10.97 -28.53
C ALA B 373 -18.70 -10.17 -27.69
N ARG B 374 -19.18 -9.03 -28.22
CA ARG B 374 -20.08 -8.19 -27.46
C ARG B 374 -21.45 -8.82 -27.32
N LEU B 375 -21.93 -9.52 -28.35
CA LEU B 375 -23.22 -10.20 -28.24
C LEU B 375 -23.16 -11.33 -27.22
N LEU B 376 -22.09 -12.13 -27.24
CA LEU B 376 -21.92 -13.15 -26.22
C LEU B 376 -21.89 -12.51 -24.83
N ASP B 377 -21.14 -11.41 -24.69
CA ASP B 377 -21.01 -10.75 -23.40
C ASP B 377 -22.37 -10.29 -22.88
N LYS B 378 -23.19 -9.73 -23.76
CA LYS B 378 -24.52 -9.30 -23.34
C LYS B 378 -25.41 -10.48 -22.98
N LEU B 379 -25.35 -11.55 -23.77
CA LEU B 379 -26.16 -12.73 -23.47
C LEU B 379 -25.73 -13.37 -22.16
N VAL B 380 -24.43 -13.41 -21.90
CA VAL B 380 -23.94 -14.00 -20.65
C VAL B 380 -24.38 -13.17 -19.45
N GLY B 381 -24.31 -11.85 -19.56
CA GLY B 381 -24.73 -11.00 -18.46
C GLY B 381 -26.20 -11.13 -18.15
N GLU B 382 -27.01 -11.39 -19.18
CA GLU B 382 -28.46 -11.48 -19.02
C GLU B 382 -28.95 -12.87 -18.64
N PHE B 383 -28.15 -13.92 -18.90
CA PHE B 383 -28.56 -15.27 -18.59
C PHE B 383 -27.68 -15.97 -17.58
N LEU B 384 -26.45 -15.50 -17.33
CA LEU B 384 -25.57 -16.17 -16.40
C LEU B 384 -25.06 -15.30 -15.25
N GLU B 385 -24.89 -13.99 -15.45
CA GLU B 385 -24.32 -13.17 -14.38
C GLU B 385 -25.38 -12.72 -13.39
N VAL B 386 -26.60 -12.46 -13.87
CA VAL B 386 -27.74 -12.15 -13.02
C VAL B 386 -28.05 -13.32 -12.10
N THR B 387 -27.69 -14.54 -12.50
CA THR B 387 -27.96 -15.71 -11.66
C THR B 387 -26.96 -15.88 -10.53
N CYS B 388 -25.81 -15.23 -10.62
CA CYS B 388 -24.72 -15.47 -9.67
C CYS B 388 -24.88 -14.56 -8.46
N ILE B 389 -25.66 -15.02 -7.49
CA ILE B 389 -25.78 -14.32 -6.21
C ILE B 389 -24.71 -14.77 -5.23
N ASN B 390 -24.61 -16.08 -4.99
CA ASN B 390 -23.47 -16.62 -4.27
C ASN B 390 -22.22 -16.54 -5.15
N PRO B 391 -21.04 -16.61 -4.54
CA PRO B 391 -19.79 -16.63 -5.33
C PRO B 391 -19.84 -17.74 -6.38
N THR B 392 -19.60 -17.36 -7.64
CA THR B 392 -19.72 -18.29 -8.75
C THR B 392 -18.58 -18.05 -9.72
N PHE B 393 -17.83 -19.11 -10.01
CA PHE B 393 -16.80 -19.05 -11.04
C PHE B 393 -17.44 -19.23 -12.41
N ILE B 394 -17.26 -18.26 -13.30
CA ILE B 394 -17.57 -18.40 -14.72
C ILE B 394 -16.27 -18.67 -15.45
N CYS B 395 -16.24 -19.74 -16.24
CA CYS B 395 -14.97 -20.31 -16.70
C CYS B 395 -14.96 -20.56 -18.21
N ASP B 396 -13.73 -20.66 -18.73
CA ASP B 396 -13.45 -21.11 -20.09
C ASP B 396 -14.13 -20.21 -21.14
N HIS B 397 -14.01 -18.91 -20.94
CA HIS B 397 -14.51 -17.95 -21.90
C HIS B 397 -13.91 -18.20 -23.28
N PRO B 398 -14.64 -17.87 -24.35
CA PRO B 398 -14.07 -18.01 -25.70
C PRO B 398 -12.85 -17.12 -25.90
N GLN B 399 -11.98 -17.54 -26.82
CA GLN B 399 -10.79 -16.76 -27.14
C GLN B 399 -11.17 -15.39 -27.71
N ILE B 400 -12.22 -15.35 -28.52
CA ILE B 400 -12.64 -14.10 -29.16
C ILE B 400 -13.08 -13.06 -28.15
N MET B 401 -13.30 -13.46 -26.90
CA MET B 401 -13.62 -12.54 -25.82
C MET B 401 -12.45 -12.34 -24.86
N SER B 402 -11.36 -13.09 -25.02
CA SER B 402 -10.28 -13.13 -24.04
C SER B 402 -8.94 -13.04 -24.78
N PRO B 403 -8.55 -11.85 -25.20
CA PRO B 403 -7.33 -11.71 -26.01
C PRO B 403 -6.05 -11.91 -25.21
N LEU B 404 -6.09 -11.58 -23.92
CA LEU B 404 -4.90 -11.62 -23.07
C LEU B 404 -4.63 -13.00 -22.48
N ALA B 405 -5.56 -13.94 -22.57
CA ALA B 405 -5.44 -15.23 -21.89
C ALA B 405 -4.92 -16.32 -22.82
N LYS B 406 -4.25 -17.31 -22.24
CA LYS B 406 -3.77 -18.47 -22.96
C LYS B 406 -4.92 -19.36 -23.39
N TRP B 407 -4.68 -20.12 -24.46
CA TRP B 407 -5.73 -20.94 -25.06
C TRP B 407 -5.97 -22.20 -24.25
N HIS B 408 -7.20 -22.71 -24.34
CA HIS B 408 -7.58 -23.93 -23.63
C HIS B 408 -6.95 -25.15 -24.28
N ARG B 409 -6.45 -26.06 -23.45
CA ARG B 409 -5.74 -27.24 -23.96
C ARG B 409 -6.71 -28.24 -24.60
N SER B 410 -7.84 -28.49 -23.96
CA SER B 410 -8.77 -29.51 -24.45
C SER B 410 -9.80 -28.97 -25.42
N LYS B 411 -10.35 -27.79 -25.14
CA LYS B 411 -11.49 -27.25 -25.88
C LYS B 411 -11.05 -26.17 -26.86
N GLU B 412 -11.31 -26.42 -28.15
CA GLU B 412 -10.93 -25.48 -29.19
C GLU B 412 -11.75 -24.19 -29.09
N GLY B 413 -11.05 -23.07 -29.26
CA GLY B 413 -11.69 -21.77 -29.24
C GLY B 413 -11.90 -21.16 -27.86
N LEU B 414 -11.65 -21.90 -26.80
CA LEU B 414 -11.80 -21.40 -25.45
C LEU B 414 -10.42 -21.08 -24.86
N THR B 415 -10.45 -20.40 -23.71
CA THR B 415 -9.22 -19.99 -23.04
C THR B 415 -9.17 -20.56 -21.63
N GLU B 416 -8.01 -20.39 -21.00
CA GLU B 416 -7.80 -20.79 -19.61
C GLU B 416 -8.05 -19.58 -18.71
N ARG B 417 -9.33 -19.34 -18.43
CA ARG B 417 -9.76 -18.10 -17.79
C ARG B 417 -10.93 -18.37 -16.86
N PHE B 418 -11.06 -17.54 -15.82
CA PHE B 418 -12.28 -17.49 -15.03
C PHE B 418 -12.52 -16.09 -14.51
N GLU B 419 -13.77 -15.83 -14.12
CA GLU B 419 -14.18 -14.63 -13.42
C GLU B 419 -14.98 -15.07 -12.20
N LEU B 420 -14.69 -14.49 -11.05
CA LEU B 420 -15.47 -14.77 -9.85
C LEU B 420 -16.58 -13.73 -9.73
N PHE B 421 -17.82 -14.19 -9.72
CA PHE B 421 -18.99 -13.32 -9.63
C PHE B 421 -19.64 -13.47 -8.26
N VAL B 422 -20.00 -12.33 -7.67
CA VAL B 422 -20.71 -12.24 -6.40
C VAL B 422 -21.75 -11.15 -6.53
N MET B 423 -22.99 -11.44 -6.16
CA MET B 423 -24.09 -10.49 -6.26
C MET B 423 -24.17 -9.88 -7.66
N LYS B 424 -24.07 -10.74 -8.66
CA LYS B 424 -24.20 -10.39 -10.07
C LYS B 424 -23.07 -9.53 -10.59
N LYS B 425 -22.04 -9.29 -9.79
CA LYS B 425 -20.90 -8.48 -10.21
C LYS B 425 -19.62 -9.31 -10.13
N GLU B 426 -18.68 -8.96 -11.01
CA GLU B 426 -17.36 -9.56 -11.01
C GLU B 426 -16.52 -8.96 -9.90
N ILE B 427 -15.79 -9.81 -9.19
CA ILE B 427 -14.91 -9.35 -8.12
C ILE B 427 -13.45 -9.72 -8.34
N CYS B 428 -13.14 -10.75 -9.10
CA CYS B 428 -11.76 -10.96 -9.51
C CYS B 428 -11.69 -11.67 -10.86
N ASN B 429 -10.59 -11.42 -11.55
CA ASN B 429 -10.29 -11.91 -12.89
C ASN B 429 -8.98 -12.67 -12.82
N ALA B 430 -8.89 -13.80 -13.51
CA ALA B 430 -7.66 -14.57 -13.53
C ALA B 430 -7.58 -15.37 -14.81
N TYR B 431 -6.36 -15.56 -15.31
CA TYR B 431 -6.13 -16.42 -16.45
C TYR B 431 -4.65 -16.75 -16.55
N THR B 432 -4.34 -17.76 -17.36
CA THR B 432 -2.97 -18.11 -17.68
C THR B 432 -2.42 -17.07 -18.66
N GLU B 433 -1.26 -16.51 -18.32
CA GLU B 433 -0.75 -15.38 -19.06
C GLU B 433 -0.11 -15.83 -20.38
N LEU B 434 0.11 -14.84 -21.25
CA LEU B 434 0.85 -15.04 -22.49
C LEU B 434 2.33 -14.83 -22.23
N ASN B 435 3.16 -15.72 -22.76
CA ASN B 435 4.60 -15.59 -22.60
C ASN B 435 5.38 -15.65 -23.91
N ASP B 436 4.72 -15.89 -25.04
CA ASP B 436 5.40 -15.81 -26.33
C ASP B 436 5.65 -14.34 -26.67
N PRO B 437 6.90 -13.89 -26.82
CA PRO B 437 7.13 -12.47 -27.11
C PRO B 437 6.55 -12.02 -28.45
N MET B 438 6.49 -12.91 -29.45
CA MET B 438 5.87 -12.53 -30.73
C MET B 438 4.37 -12.34 -30.58
N ARG B 439 3.71 -13.19 -29.77
CA ARG B 439 2.27 -13.04 -29.59
C ARG B 439 1.96 -11.78 -28.79
N GLN B 440 2.79 -11.46 -27.79
CA GLN B 440 2.61 -10.24 -27.05
C GLN B 440 2.79 -9.01 -27.96
N ARG B 441 3.76 -9.06 -28.87
CA ARG B 441 3.96 -7.95 -29.79
C ARG B 441 2.76 -7.80 -30.72
N GLN B 442 2.17 -8.92 -31.15
CA GLN B 442 0.96 -8.86 -31.96
C GLN B 442 -0.15 -8.13 -31.23
N LEU B 443 -0.38 -8.51 -29.96
CA LEU B 443 -1.45 -7.92 -29.18
C LEU B 443 -1.21 -6.43 -28.95
N PHE B 444 0.03 -6.03 -28.69
CA PHE B 444 0.31 -4.60 -28.50
C PHE B 444 0.04 -3.82 -29.78
N GLU B 445 0.41 -4.38 -30.93
CA GLU B 445 0.17 -3.68 -32.20
C GLU B 445 -1.31 -3.57 -32.52
N GLU B 446 -2.08 -4.64 -32.27
CA GLU B 446 -3.51 -4.57 -32.52
C GLU B 446 -4.20 -3.64 -31.54
N GLN B 447 -3.74 -3.56 -30.29
CA GLN B 447 -4.24 -2.54 -29.38
C GLN B 447 -3.89 -1.15 -29.89
N ALA B 448 -2.65 -0.97 -30.40
CA ALA B 448 -2.23 0.33 -30.89
C ALA B 448 -3.04 0.76 -32.11
N LYS B 449 -3.35 -0.18 -33.00
CA LYS B 449 -4.14 0.14 -34.18
C LYS B 449 -5.49 0.75 -33.81
N ALA B 450 -6.13 0.23 -32.77
CA ALA B 450 -7.42 0.77 -32.34
C ALA B 450 -7.26 2.15 -31.69
N LYS B 451 -6.16 2.37 -30.97
CA LYS B 451 -5.92 3.67 -30.35
C LYS B 451 -5.86 4.76 -31.41
N ALA B 452 -5.14 4.52 -32.51
CA ALA B 452 -4.96 5.53 -33.54
C ALA B 452 -5.65 5.10 -34.84
N PHE B 460 0.37 2.83 -27.89
CA PHE B 460 1.80 2.60 -28.03
C PHE B 460 2.19 1.16 -27.74
N ILE B 461 3.45 0.82 -28.00
CA ILE B 461 3.99 -0.52 -27.78
C ILE B 461 5.10 -0.43 -26.73
N ASP B 462 4.99 -1.24 -25.69
CA ASP B 462 5.99 -1.30 -24.63
C ASP B 462 7.14 -2.17 -25.11
N GLU B 463 8.09 -1.56 -25.82
CA GLU B 463 9.22 -2.32 -26.33
C GLU B 463 10.01 -2.94 -25.19
N ASN B 464 10.16 -2.23 -24.08
CA ASN B 464 10.91 -2.77 -22.96
C ASN B 464 10.30 -4.07 -22.48
N PHE B 465 8.97 -4.12 -22.36
CA PHE B 465 8.32 -5.34 -21.89
C PHE B 465 8.43 -6.47 -22.91
N CYS B 466 8.40 -6.14 -24.20
CA CYS B 466 8.61 -7.16 -25.22
C CYS B 466 10.01 -7.74 -25.10
N THR B 467 11.01 -6.88 -24.90
CA THR B 467 12.38 -7.36 -24.71
C THR B 467 12.47 -8.29 -23.50
N ALA B 468 11.85 -7.91 -22.39
CA ALA B 468 11.89 -8.75 -21.20
C ALA B 468 11.34 -10.15 -21.50
N LEU B 469 10.29 -10.23 -22.32
CA LEU B 469 9.75 -11.54 -22.69
C LEU B 469 10.73 -12.34 -23.53
N GLU B 470 11.55 -11.66 -24.32
CA GLU B 470 12.56 -12.32 -25.12
C GLU B 470 13.64 -12.97 -24.26
N TYR B 471 13.83 -12.50 -23.02
CA TYR B 471 14.73 -13.18 -22.09
C TYR B 471 14.09 -14.41 -21.48
N GLY B 472 12.76 -14.49 -21.47
CA GLY B 472 12.09 -15.70 -21.05
C GLY B 472 11.19 -15.50 -19.85
N LEU B 473 9.89 -15.51 -20.09
CA LEU B 473 8.91 -15.54 -19.02
C LEU B 473 8.42 -16.96 -18.83
N PRO B 474 8.51 -17.54 -17.64
CA PRO B 474 7.99 -18.89 -17.44
C PRO B 474 6.47 -18.90 -17.54
N PRO B 475 5.85 -20.07 -17.74
CA PRO B 475 4.39 -20.13 -17.66
C PRO B 475 3.89 -19.53 -16.35
N THR B 476 2.97 -18.58 -16.46
CA THR B 476 2.55 -17.76 -15.34
C THR B 476 1.05 -17.51 -15.42
N ALA B 477 0.42 -17.41 -14.25
CA ALA B 477 -1.00 -17.11 -14.14
C ALA B 477 -1.17 -15.78 -13.42
N GLY B 478 -2.11 -14.98 -13.90
CA GLY B 478 -2.38 -13.67 -13.33
C GLY B 478 -3.72 -13.58 -12.66
N TRP B 479 -3.88 -12.61 -11.77
CA TRP B 479 -5.07 -12.50 -10.92
C TRP B 479 -5.24 -11.03 -10.56
N GLY B 480 -6.48 -10.58 -10.59
CA GLY B 480 -6.78 -9.20 -10.27
C GLY B 480 -8.10 -9.07 -9.54
N MET B 481 -8.13 -8.24 -8.50
CA MET B 481 -9.35 -8.04 -7.72
C MET B 481 -9.55 -6.56 -7.45
N GLY B 482 -10.78 -6.09 -7.66
CA GLY B 482 -11.15 -4.75 -7.24
C GLY B 482 -11.46 -4.72 -5.76
N ILE B 483 -10.62 -4.06 -4.98
CA ILE B 483 -10.80 -4.02 -3.54
C ILE B 483 -12.06 -3.26 -3.18
N ASP B 484 -12.33 -2.16 -3.89
CA ASP B 484 -13.47 -1.31 -3.53
C ASP B 484 -14.79 -2.07 -3.64
N ARG B 485 -14.98 -2.83 -4.73
CA ARG B 485 -16.22 -3.57 -4.88
C ARG B 485 -16.35 -4.66 -3.84
N VAL B 486 -15.25 -5.33 -3.50
CA VAL B 486 -15.28 -6.30 -2.41
C VAL B 486 -15.66 -5.60 -1.12
N ALA B 487 -15.09 -4.41 -0.87
CA ALA B 487 -15.42 -3.67 0.34
C ALA B 487 -16.89 -3.31 0.39
N MET B 488 -17.44 -2.85 -0.74
CA MET B 488 -18.86 -2.58 -0.83
C MET B 488 -19.68 -3.79 -0.40
N PHE B 489 -19.38 -4.95 -0.99
CA PHE B 489 -20.20 -6.13 -0.75
C PHE B 489 -20.09 -6.63 0.69
N LEU B 490 -18.97 -6.38 1.35
CA LEU B 490 -18.77 -6.85 2.72
C LEU B 490 -19.11 -5.81 3.77
N THR B 491 -19.32 -4.55 3.38
CA THR B 491 -19.83 -3.52 4.29
C THR B 491 -21.29 -3.19 3.99
N ASP B 492 -21.95 -4.01 3.17
CA ASP B 492 -23.33 -3.77 2.76
C ASP B 492 -23.53 -2.34 2.27
N SER B 493 -22.72 -1.95 1.28
CA SER B 493 -22.80 -0.64 0.65
C SER B 493 -23.16 -0.82 -0.82
N ASN B 494 -24.16 -0.08 -1.29
CA ASN B 494 -24.56 -0.12 -2.69
C ASN B 494 -23.94 1.03 -3.49
N ASN B 495 -22.79 1.53 -3.02
CA ASN B 495 -22.24 2.81 -3.44
C ASN B 495 -20.75 2.76 -3.18
N ILE B 496 -19.95 3.29 -4.11
CA ILE B 496 -18.51 3.23 -3.91
C ILE B 496 -18.03 4.30 -2.95
N LYS B 497 -18.70 5.45 -2.91
CA LYS B 497 -18.32 6.50 -1.96
C LYS B 497 -18.47 6.05 -0.51
N GLU B 498 -19.29 5.03 -0.26
CA GLU B 498 -19.45 4.51 1.09
C GLU B 498 -18.20 3.80 1.60
N VAL B 499 -17.35 3.30 0.69
CA VAL B 499 -16.16 2.57 1.08
C VAL B 499 -14.89 3.35 0.78
N LEU B 500 -14.99 4.58 0.29
CA LEU B 500 -13.86 5.46 0.11
C LEU B 500 -13.87 6.49 1.23
N LEU B 501 -12.78 6.57 1.98
CA LEU B 501 -12.70 7.55 3.07
C LEU B 501 -13.02 8.95 2.57
N PHE B 502 -12.32 9.41 1.53
CA PHE B 502 -12.53 10.74 0.96
C PHE B 502 -12.84 10.56 -0.52
N PRO B 503 -14.10 10.32 -0.87
CA PRO B 503 -14.43 10.10 -2.28
C PRO B 503 -14.30 11.38 -3.08
N ALA B 504 -13.88 11.25 -4.34
CA ALA B 504 -13.94 12.38 -5.26
C ALA B 504 -15.39 12.82 -5.39
N MET B 505 -15.58 14.13 -5.49
CA MET B 505 -16.91 14.71 -5.48
C MET B 505 -17.01 15.79 -6.54
N LYS B 506 -18.11 15.81 -7.28
CA LYS B 506 -18.28 16.86 -8.28
C LYS B 506 -18.42 18.17 -7.51
N PRO B 507 -17.57 19.16 -7.75
CA PRO B 507 -17.53 20.31 -6.85
C PRO B 507 -18.85 21.08 -6.80
N GLU B 508 -19.08 21.72 -5.66
CA GLU B 508 -20.25 22.54 -5.36
C GLU B 508 -20.40 23.65 -6.36
#